data_4JMR
#
_entry.id   4JMR
#
_cell.length_a   59.411
_cell.length_b   122.365
_cell.length_c   61.766
_cell.angle_alpha   90.000
_cell.angle_beta   97.520
_cell.angle_gamma   90.000
#
_symmetry.space_group_name_H-M   'P 1 21 1'
#
loop_
_entity.id
_entity.type
_entity.pdbx_description
1 polymer 'Gag protein'
2 polymer 'Env protein'
3 water water
#
loop_
_entity_poly.entity_id
_entity_poly.type
_entity_poly.pdbx_seq_one_letter_code
_entity_poly.pdbx_strand_id
1 'polypeptide(L)'
;MAHHHHHHSAALEVLFQGPGMASGSNVEEYELDVEALVVILRDRNIPRNPLHGEVIGLRLTEGWWGQIERFQMVRLILQN
DDNEPLQRPRYEVIQRAVNPHTMFMISGPLAELQLAFQDLDLPEGPLRFGPLANGHYVQGDPYSSSYRPVTMAETAQMTR
DELEDVLNTQSEIEIQMINLLELYEVETRALRRQLAERS
;
A,B,C,D
2 'polypeptide(L)' MAPPMTLQQWIIWKKMNKAH F,E,G,H
#
# COMPACT_ATOMS: atom_id res chain seq x y z
N GLU A 29 -7.24 32.76 4.10
CA GLU A 29 -7.74 33.79 3.13
C GLU A 29 -6.75 34.94 3.00
N TYR A 30 -6.41 35.28 1.75
CA TYR A 30 -5.45 36.35 1.46
C TYR A 30 -5.99 37.30 0.39
N GLU A 31 -5.34 38.46 0.25
CA GLU A 31 -5.76 39.51 -0.67
C GLU A 31 -5.69 39.08 -2.14
N LEU A 32 -6.71 39.47 -2.90
CA LEU A 32 -6.77 39.18 -4.34
C LEU A 32 -6.89 40.47 -5.15
N ASP A 33 -5.95 40.67 -6.07
CA ASP A 33 -5.98 41.80 -6.98
C ASP A 33 -6.62 41.41 -8.31
N VAL A 34 -7.87 41.82 -8.50
CA VAL A 34 -8.65 41.44 -9.69
C VAL A 34 -8.02 41.95 -10.98
N GLU A 35 -7.62 43.22 -10.99
CA GLU A 35 -6.99 43.84 -12.17
C GLU A 35 -5.82 43.02 -12.72
N ALA A 36 -4.92 42.61 -11.83
CA ALA A 36 -3.73 41.83 -12.22
C ALA A 36 -4.10 40.44 -12.72
N LEU A 37 -5.16 39.86 -12.14
CA LEU A 37 -5.65 38.55 -12.55
C LEU A 37 -6.20 38.59 -13.97
N VAL A 38 -6.93 39.66 -14.30
CA VAL A 38 -7.44 39.89 -15.65
C VAL A 38 -6.28 39.95 -16.65
N VAL A 39 -5.27 40.75 -16.33
CA VAL A 39 -4.06 40.86 -17.14
C VAL A 39 -3.39 39.50 -17.34
N ILE A 40 -3.32 38.74 -16.24
CA ILE A 40 -2.71 37.40 -16.25
C ILE A 40 -3.46 36.44 -17.19
N LEU A 41 -4.80 36.52 -17.17
CA LEU A 41 -5.63 35.69 -18.05
C LEU A 41 -5.50 36.07 -19.53
N ARG A 42 -5.58 37.37 -19.83
CA ARG A 42 -5.48 37.87 -21.20
C ARG A 42 -4.15 37.52 -21.86
N ASP A 43 -3.06 37.63 -21.08
CA ASP A 43 -1.72 37.28 -21.56
C ASP A 43 -1.61 35.82 -22.00
N ARG A 44 -2.46 34.96 -21.44
CA ARG A 44 -2.50 33.55 -21.78
C ARG A 44 -3.61 33.23 -22.80
N ASN A 45 -4.34 34.27 -23.21
CA ASN A 45 -5.43 34.15 -24.19
C ASN A 45 -6.63 33.32 -23.70
N ILE A 46 -6.81 33.27 -22.39
CA ILE A 46 -7.92 32.50 -21.82
C ILE A 46 -9.21 33.33 -21.87
N PRO A 47 -10.22 32.84 -22.61
CA PRO A 47 -11.46 33.58 -22.76
C PRO A 47 -12.37 33.44 -21.54
N ARG A 48 -11.96 32.60 -20.61
CA ARG A 48 -12.74 32.28 -19.41
C ARG A 48 -12.95 33.50 -18.52
N ASN A 49 -14.15 33.59 -17.95
CA ASN A 49 -14.49 34.63 -16.99
C ASN A 49 -14.89 34.01 -15.65
N PRO A 50 -13.90 33.83 -14.74
CA PRO A 50 -14.12 33.22 -13.42
C PRO A 50 -15.15 33.97 -12.58
N LEU A 51 -15.92 33.21 -11.82
CA LEU A 51 -16.98 33.76 -10.97
C LEU A 51 -16.53 33.94 -9.52
N HIS A 52 -17.43 34.44 -8.69
CA HIS A 52 -17.24 34.47 -7.24
C HIS A 52 -17.44 33.07 -6.70
N GLY A 53 -16.54 32.64 -5.83
CA GLY A 53 -16.57 31.28 -5.29
C GLY A 53 -16.03 30.24 -6.25
N GLU A 54 -15.46 30.72 -7.36
CA GLU A 54 -14.88 29.86 -8.39
C GLU A 54 -13.62 29.17 -7.86
N VAL A 55 -13.52 27.87 -8.14
CA VAL A 55 -12.37 27.06 -7.73
C VAL A 55 -11.36 26.99 -8.88
N ILE A 56 -10.16 27.52 -8.63
CA ILE A 56 -9.12 27.57 -9.65
C ILE A 56 -7.87 26.80 -9.22
N GLY A 57 -7.37 25.96 -10.12
CA GLY A 57 -6.10 25.27 -9.90
C GLY A 57 -4.96 26.09 -10.48
N LEU A 58 -3.82 26.08 -9.81
CA LEU A 58 -2.66 26.84 -10.26
C LEU A 58 -1.44 25.94 -10.42
N ARG A 59 -0.83 25.99 -11.60
CA ARG A 59 0.43 25.29 -11.86
C ARG A 59 1.59 26.28 -11.83
N LEU A 60 2.28 26.30 -10.70
CA LEU A 60 3.44 27.17 -10.51
C LEU A 60 4.67 26.52 -11.13
N THR A 61 5.08 27.02 -12.29
CA THR A 61 6.21 26.45 -13.03
C THR A 61 7.55 26.62 -12.31
N GLU A 62 7.64 27.69 -11.52
CA GLU A 62 8.85 27.97 -10.72
C GLU A 62 8.55 28.92 -9.57
N GLY A 63 9.41 28.89 -8.55
CA GLY A 63 9.31 29.78 -7.40
C GLY A 63 10.63 29.86 -6.66
N TRP A 64 10.57 30.14 -5.36
CA TRP A 64 11.74 30.22 -4.50
C TRP A 64 12.39 28.87 -4.28
N TRP A 65 11.62 27.82 -4.48
CA TRP A 65 12.05 26.43 -4.25
C TRP A 65 12.89 25.90 -5.38
N GLY A 66 13.09 26.72 -6.41
CA GLY A 66 13.81 26.29 -7.61
C GLY A 66 12.92 26.40 -8.84
N GLN A 67 13.30 25.68 -9.89
CA GLN A 67 12.55 25.71 -11.15
C GLN A 67 11.94 24.34 -11.46
N ILE A 68 10.93 23.99 -10.69
CA ILE A 68 10.20 22.73 -10.83
C ILE A 68 8.73 22.95 -10.53
N GLU A 69 7.86 22.32 -11.31
CA GLU A 69 6.43 22.59 -11.23
C GLU A 69 5.77 22.15 -9.93
N ARG A 70 5.01 23.07 -9.34
CA ARG A 70 4.25 22.81 -8.12
C ARG A 70 2.82 23.32 -8.30
N PHE A 71 1.91 22.79 -7.49
CA PHE A 71 0.48 23.08 -7.64
C PHE A 71 -0.12 23.69 -6.37
N GLN A 72 -1.20 24.45 -6.53
CA GLN A 72 -1.95 25.03 -5.42
C GLN A 72 -3.39 25.32 -5.86
N MET A 73 -4.36 24.98 -5.03
CA MET A 73 -5.77 25.19 -5.34
C MET A 73 -6.36 26.34 -4.53
N VAL A 74 -6.88 27.34 -5.23
CA VAL A 74 -7.44 28.54 -4.60
C VAL A 74 -8.89 28.79 -4.99
N ARG A 75 -9.55 29.66 -4.23
CA ARG A 75 -10.94 30.06 -4.50
C ARG A 75 -11.06 31.58 -4.44
N LEU A 76 -11.70 32.15 -5.47
CA LEU A 76 -11.89 33.59 -5.54
C LEU A 76 -13.05 34.05 -4.67
N ILE A 77 -12.85 35.16 -3.97
CA ILE A 77 -13.89 35.78 -3.15
C ILE A 77 -13.99 37.27 -3.51
N LEU A 78 -15.07 37.61 -4.20
CA LEU A 78 -15.28 38.97 -4.69
C LEU A 78 -16.30 39.74 -3.85
N GLN A 79 -17.28 39.01 -3.31
CA GLN A 79 -18.36 39.60 -2.51
C GLN A 79 -18.38 39.00 -1.11
N ASN A 80 -19.40 39.34 -0.32
CA ASN A 80 -19.61 38.73 0.98
C ASN A 80 -20.61 37.57 0.91
N ASP A 81 -21.20 37.21 2.05
CA ASP A 81 -22.21 36.15 2.13
C ASP A 81 -23.55 36.58 1.56
N ASP A 82 -23.81 37.89 1.59
CA ASP A 82 -25.04 38.46 1.04
C ASP A 82 -24.84 39.00 -0.39
N ASN A 83 -23.73 38.61 -1.00
CA ASN A 83 -23.39 38.98 -2.39
C ASN A 83 -23.21 40.48 -2.68
N GLU A 84 -22.90 41.25 -1.63
CA GLU A 84 -22.54 42.66 -1.78
C GLU A 84 -21.03 42.76 -2.03
N PRO A 85 -20.63 43.49 -3.09
CA PRO A 85 -19.23 43.48 -3.55
C PRO A 85 -18.24 44.01 -2.52
N LEU A 86 -17.15 43.28 -2.31
CA LEU A 86 -16.08 43.71 -1.41
C LEU A 86 -15.10 44.58 -2.20
N GLN A 87 -14.90 45.81 -1.71
CA GLN A 87 -13.96 46.74 -2.33
C GLN A 87 -12.49 46.31 -2.14
N ARG A 88 -12.28 45.33 -1.27
CA ARG A 88 -11.01 44.64 -1.15
C ARG A 88 -11.22 43.12 -1.31
N PRO A 89 -10.99 42.61 -2.55
CA PRO A 89 -11.29 41.22 -2.86
C PRO A 89 -10.30 40.26 -2.23
N ARG A 90 -10.75 39.03 -1.96
CA ARG A 90 -9.91 38.01 -1.33
C ARG A 90 -9.89 36.70 -2.13
N TYR A 91 -8.91 35.85 -1.83
CA TYR A 91 -8.90 34.47 -2.28
C TYR A 91 -8.56 33.59 -1.08
N GLU A 92 -9.21 32.44 -0.99
CA GLU A 92 -8.90 31.48 0.08
C GLU A 92 -8.16 30.27 -0.47
N VAL A 93 -7.46 29.56 0.41
CA VAL A 93 -6.75 28.35 0.04
C VAL A 93 -7.58 27.13 0.43
N ILE A 94 -7.93 26.33 -0.58
CA ILE A 94 -8.64 25.06 -0.34
C ILE A 94 -7.63 23.91 -0.32
N GLN A 95 -7.69 23.10 0.72
CA GLN A 95 -6.73 22.00 0.90
C GLN A 95 -7.18 20.73 0.16
N ARG A 96 -6.95 20.73 -1.15
CA ARG A 96 -7.27 19.59 -2.02
C ARG A 96 -6.28 19.49 -3.17
N ALA A 97 -6.07 18.28 -3.66
CA ALA A 97 -5.16 18.03 -4.78
C ALA A 97 -5.73 18.59 -6.08
N VAL A 98 -4.91 19.33 -6.80
CA VAL A 98 -5.29 19.91 -8.08
C VAL A 98 -5.30 18.84 -9.16
N ASN A 99 -6.42 18.72 -9.87
CA ASN A 99 -6.52 17.81 -11.01
C ASN A 99 -6.64 18.56 -12.34
N PRO A 100 -5.51 18.73 -13.05
CA PRO A 100 -5.41 19.55 -14.26
C PRO A 100 -6.42 19.22 -15.36
N HIS A 101 -6.95 18.00 -15.35
CA HIS A 101 -7.88 17.55 -16.40
C HIS A 101 -9.31 17.92 -16.14
N THR A 102 -9.70 17.99 -14.87
CA THR A 102 -11.10 18.24 -14.51
C THR A 102 -11.31 19.62 -13.89
N MET A 103 -10.30 20.49 -14.00
CA MET A 103 -10.31 21.76 -13.30
C MET A 103 -9.81 22.90 -14.18
N PHE A 104 -10.28 24.11 -13.88
CA PHE A 104 -9.80 25.32 -14.53
C PHE A 104 -8.40 25.65 -14.02
N MET A 105 -7.46 25.84 -14.95
CA MET A 105 -6.04 25.88 -14.61
C MET A 105 -5.30 27.08 -15.19
N ILE A 106 -4.54 27.76 -14.34
CA ILE A 106 -3.64 28.82 -14.78
C ILE A 106 -2.20 28.40 -14.48
N SER A 107 -1.32 28.57 -15.46
CA SER A 107 0.08 28.21 -15.31
C SER A 107 0.97 29.44 -15.41
N GLY A 108 2.07 29.43 -14.67
CA GLY A 108 3.04 30.52 -14.69
C GLY A 108 3.90 30.59 -13.45
N PRO A 109 5.00 31.35 -13.50
CA PRO A 109 5.90 31.53 -12.35
C PRO A 109 5.22 32.18 -11.16
N LEU A 110 5.67 31.82 -9.96
CA LEU A 110 5.09 32.33 -8.70
C LEU A 110 5.06 33.86 -8.63
N ALA A 111 6.18 34.48 -8.98
CA ALA A 111 6.31 35.94 -8.97
C ALA A 111 5.21 36.63 -9.76
N GLU A 112 4.90 36.08 -10.92
CA GLU A 112 3.86 36.63 -11.80
C GLU A 112 2.47 36.44 -11.20
N LEU A 113 2.21 35.26 -10.66
CA LEU A 113 0.90 34.95 -10.08
C LEU A 113 0.67 35.66 -8.74
N GLN A 114 1.76 36.07 -8.09
CA GLN A 114 1.67 36.84 -6.84
C GLN A 114 1.19 38.26 -7.06
N LEU A 115 1.26 38.75 -8.29
CA LEU A 115 0.72 40.05 -8.64
C LEU A 115 -0.78 40.07 -8.40
N ALA A 116 -1.42 38.92 -8.60
CA ALA A 116 -2.84 38.73 -8.32
C ALA A 116 -3.06 38.10 -6.95
N PHE A 117 -2.54 36.89 -6.76
CA PHE A 117 -2.70 36.17 -5.50
C PHE A 117 -1.61 36.56 -4.51
N GLN A 118 -1.92 37.49 -3.62
CA GLN A 118 -0.96 38.04 -2.67
C GLN A 118 -0.56 37.01 -1.63
N ASP A 119 0.74 36.96 -1.35
CA ASP A 119 1.34 36.04 -0.35
C ASP A 119 1.18 34.57 -0.69
N LEU A 120 0.92 34.28 -1.96
CA LEU A 120 0.71 32.92 -2.44
C LEU A 120 1.96 32.07 -2.21
N ASP A 121 1.76 30.87 -1.66
CA ASP A 121 2.85 29.94 -1.43
C ASP A 121 2.38 28.50 -1.68
N LEU A 122 3.28 27.53 -1.47
CA LEU A 122 2.98 26.12 -1.63
C LEU A 122 1.96 25.62 -0.60
N PRO A 123 1.12 24.64 -0.99
CA PRO A 123 0.18 24.06 -0.05
C PRO A 123 0.85 23.06 0.88
N GLU A 124 0.10 22.57 1.86
CA GLU A 124 0.60 21.64 2.85
C GLU A 124 0.85 20.24 2.27
N GLY A 125 2.06 19.73 2.51
CA GLY A 125 2.38 18.33 2.24
C GLY A 125 2.38 17.93 0.78
N PRO A 126 2.02 16.66 0.49
CA PRO A 126 2.01 16.11 -0.87
C PRO A 126 1.09 16.84 -1.84
N LEU A 127 0.19 17.68 -1.33
CA LEU A 127 -0.72 18.46 -2.16
C LEU A 127 0.00 19.30 -3.21
N ARG A 128 1.23 19.71 -2.90
CA ARG A 128 2.07 20.49 -3.82
C ARG A 128 2.42 19.74 -5.10
N PHE A 129 2.28 18.42 -5.08
CA PHE A 129 2.53 17.57 -6.26
C PHE A 129 1.34 17.57 -7.22
N GLY A 130 0.18 18.02 -6.73
CA GLY A 130 -1.01 18.19 -7.56
C GLY A 130 -1.66 16.88 -8.00
N PRO A 131 -1.57 16.56 -9.31
CA PRO A 131 -2.08 15.30 -9.86
C PRO A 131 -1.30 14.07 -9.38
N LEU A 132 -0.26 14.30 -8.59
CA LEU A 132 0.53 13.21 -8.03
C LEU A 132 0.55 13.27 -6.50
N ALA A 133 -0.35 14.06 -5.92
CA ALA A 133 -0.50 14.16 -4.47
C ALA A 133 -0.96 12.85 -3.87
N ASN A 134 -1.66 12.06 -4.68
CA ASN A 134 -2.14 10.74 -4.28
C ASN A 134 -1.18 9.64 -4.69
N GLY A 135 -0.04 10.04 -5.24
CA GLY A 135 1.04 9.13 -5.62
C GLY A 135 0.81 8.28 -6.86
N HIS A 136 -0.03 8.77 -7.78
N HIS A 136 -0.04 8.77 -7.77
CA HIS A 136 -0.36 8.01 -8.99
CA HIS A 136 -0.37 8.05 -8.99
C HIS A 136 0.49 8.40 -10.16
C HIS A 136 0.53 8.45 -10.13
N TYR A 137 1.54 7.62 -10.40
CA TYR A 137 2.47 7.86 -11.50
C TYR A 137 2.07 7.04 -12.72
N VAL A 138 1.84 7.73 -13.84
CA VAL A 138 1.36 7.09 -15.07
C VAL A 138 2.36 7.29 -16.20
N GLN A 139 2.74 6.17 -16.83
CA GLN A 139 3.61 6.19 -18.01
C GLN A 139 2.94 6.97 -19.13
N GLY A 140 3.71 7.86 -19.76
CA GLY A 140 3.22 8.63 -20.90
C GLY A 140 2.61 9.96 -20.53
N ASP A 141 2.25 10.13 -19.26
CA ASP A 141 1.60 11.36 -18.79
C ASP A 141 2.62 12.49 -18.57
N PRO A 142 2.37 13.66 -19.20
CA PRO A 142 3.29 14.80 -19.13
C PRO A 142 3.43 15.37 -17.71
N TYR A 143 2.37 15.24 -16.91
CA TYR A 143 2.42 15.71 -15.51
C TYR A 143 3.27 14.79 -14.64
N SER A 144 3.33 13.51 -15.00
CA SER A 144 4.21 12.55 -14.33
C SER A 144 5.66 12.72 -14.80
N SER A 145 5.82 13.15 -16.05
CA SER A 145 7.14 13.44 -16.61
C SER A 145 7.75 14.70 -16.01
N SER A 146 6.89 15.64 -15.63
CA SER A 146 7.34 16.93 -15.11
C SER A 146 7.57 16.89 -13.60
N TYR A 147 7.07 15.84 -12.95
CA TYR A 147 7.19 15.70 -11.50
C TYR A 147 8.64 15.64 -11.03
N ARG A 148 8.95 16.43 -10.01
CA ARG A 148 10.26 16.39 -9.36
C ARG A 148 10.04 16.37 -7.84
N PRO A 149 10.90 15.64 -7.10
CA PRO A 149 10.75 15.49 -5.65
C PRO A 149 11.00 16.76 -4.86
N VAL A 150 10.84 16.72 -3.54
CA VAL A 150 11.06 17.89 -2.68
C VAL A 150 12.53 18.21 -2.48
N THR A 151 12.85 19.50 -2.48
CA THR A 151 14.21 19.96 -2.20
C THR A 151 14.38 20.13 -0.69
N MET A 152 15.63 20.28 -0.26
CA MET A 152 15.95 20.47 1.16
C MET A 152 15.51 21.85 1.66
N ALA A 153 15.29 22.78 0.74
CA ALA A 153 14.72 24.09 1.07
C ALA A 153 13.25 23.95 1.48
N GLU A 154 12.53 23.07 0.79
CA GLU A 154 11.12 22.82 1.07
C GLU A 154 10.92 22.11 2.41
N THR A 155 11.79 21.15 2.72
CA THR A 155 11.64 20.30 3.90
C THR A 155 11.88 21.04 5.23
N ALA A 156 12.72 22.07 5.18
CA ALA A 156 13.01 22.89 6.36
C ALA A 156 11.79 23.67 6.82
N GLN A 157 10.77 23.75 5.96
CA GLN A 157 9.53 24.48 6.25
C GLN A 157 8.37 23.56 6.65
N MET A 158 8.64 22.25 6.73
CA MET A 158 7.58 21.28 6.93
C MET A 158 7.52 20.69 8.34
N THR A 159 6.31 20.32 8.77
CA THR A 159 6.11 19.64 10.05
C THR A 159 6.32 18.14 9.88
N ARG A 160 6.28 17.41 10.99
CA ARG A 160 6.51 15.96 10.97
C ARG A 160 5.42 15.21 10.19
N ASP A 161 4.15 15.55 10.45
CA ASP A 161 3.03 14.95 9.74
C ASP A 161 3.10 15.25 8.25
N GLU A 162 3.52 16.48 7.95
CA GLU A 162 3.72 16.96 6.58
C GLU A 162 4.81 16.15 5.88
N LEU A 163 5.94 15.97 6.60
CA LEU A 163 7.10 15.24 6.08
C LEU A 163 6.81 13.76 5.86
N GLU A 164 5.97 13.18 6.72
CA GLU A 164 5.58 11.79 6.61
C GLU A 164 4.69 11.55 5.39
N ASP A 165 3.74 12.46 5.19
CA ASP A 165 2.82 12.37 4.05
C ASP A 165 3.54 12.50 2.71
N VAL A 166 4.53 13.39 2.65
CA VAL A 166 5.35 13.57 1.45
C VAL A 166 6.17 12.31 1.19
N LEU A 167 6.75 11.76 2.25
CA LEU A 167 7.57 10.56 2.15
C LEU A 167 6.75 9.33 1.76
N ASN A 168 5.52 9.22 2.27
CA ASN A 168 4.61 8.15 1.86
C ASN A 168 4.24 8.23 0.38
N THR A 169 3.98 9.44 -0.09
CA THR A 169 3.61 9.70 -1.48
C THR A 169 4.79 9.45 -2.42
N GLN A 170 5.97 9.93 -2.05
CA GLN A 170 7.17 9.70 -2.84
C GLN A 170 7.53 8.22 -2.92
N SER A 171 7.22 7.48 -1.85
CA SER A 171 7.39 6.03 -1.82
C SER A 171 6.48 5.31 -2.83
N GLU A 172 5.21 5.73 -2.87
CA GLU A 172 4.25 5.20 -3.84
C GLU A 172 4.67 5.51 -5.27
N ILE A 173 5.13 6.74 -5.50
CA ILE A 173 5.63 7.18 -6.80
C ILE A 173 6.85 6.36 -7.23
N GLU A 174 7.74 6.10 -6.28
CA GLU A 174 8.96 5.31 -6.55
C GLU A 174 8.64 3.86 -6.90
N ILE A 175 7.69 3.26 -6.19
CA ILE A 175 7.23 1.89 -6.46
C ILE A 175 6.78 1.75 -7.92
N GLN A 176 5.96 2.70 -8.38
CA GLN A 176 5.54 2.77 -9.78
C GLN A 176 6.72 2.98 -10.73
N MET A 177 7.67 3.82 -10.32
CA MET A 177 8.85 4.11 -11.12
C MET A 177 9.76 2.89 -11.29
N ILE A 178 9.88 2.10 -10.23
CA ILE A 178 10.73 0.89 -10.24
C ILE A 178 10.10 -0.20 -11.10
N ASN A 179 8.78 -0.35 -11.02
CA ASN A 179 8.04 -1.29 -11.87
C ASN A 179 8.15 -0.92 -13.34
N LEU A 180 8.19 0.39 -13.61
CA LEU A 180 8.30 0.92 -14.95
C LEU A 180 9.71 0.74 -15.51
N LEU A 181 10.70 0.69 -14.63
CA LEU A 181 12.10 0.47 -15.02
C LEU A 181 12.38 -1.00 -15.33
N GLU A 182 11.65 -1.90 -14.67
CA GLU A 182 11.73 -3.33 -14.97
C GLU A 182 11.08 -3.64 -16.31
N LEU A 183 9.89 -3.06 -16.53
CA LEU A 183 9.18 -3.17 -17.80
C LEU A 183 10.02 -2.68 -18.96
N TYR A 184 10.68 -1.53 -18.78
CA TYR A 184 11.58 -0.97 -19.77
C TYR A 184 12.75 -1.92 -20.06
N GLU A 185 13.32 -2.50 -19.01
CA GLU A 185 14.46 -3.39 -19.12
C GLU A 185 14.08 -4.71 -19.83
N VAL A 186 12.85 -5.16 -19.60
CA VAL A 186 12.31 -6.36 -20.25
C VAL A 186 12.07 -6.11 -21.75
N GLU A 187 11.41 -5.00 -22.07
CA GLU A 187 11.14 -4.64 -23.46
C GLU A 187 12.41 -4.36 -24.27
N THR A 188 13.38 -3.67 -23.66
CA THR A 188 14.66 -3.38 -24.29
C THR A 188 15.41 -4.67 -24.64
N ARG A 189 15.36 -5.64 -23.73
CA ARG A 189 15.98 -6.95 -23.94
C ARG A 189 15.29 -7.69 -25.10
N ALA A 190 13.96 -7.57 -25.15
CA ALA A 190 13.15 -8.24 -26.16
C ALA A 190 13.30 -7.61 -27.55
N LEU A 191 13.42 -6.28 -27.60
CA LEU A 191 13.54 -5.56 -28.86
C LEU A 191 14.93 -5.73 -29.48
N ARG A 192 15.97 -5.74 -28.65
CA ARG A 192 17.34 -6.01 -29.12
C ARG A 192 17.46 -7.43 -29.66
N ARG A 193 16.70 -8.34 -29.06
CA ARG A 193 16.62 -9.73 -29.50
C ARG A 193 15.93 -9.80 -30.87
N GLN A 194 14.75 -9.18 -30.96
CA GLN A 194 13.99 -9.13 -32.21
C GLN A 194 14.76 -8.45 -33.33
N LEU A 195 15.52 -7.40 -32.99
CA LEU A 195 16.37 -6.71 -33.96
C LEU A 195 17.48 -7.63 -34.44
N ALA A 196 18.14 -8.33 -33.51
CA ALA A 196 19.24 -9.23 -33.83
C ALA A 196 18.86 -10.31 -34.85
N GLU A 197 17.71 -10.94 -34.63
CA GLU A 197 17.25 -12.04 -35.48
C GLU A 197 16.65 -11.57 -36.81
N ARG A 198 16.18 -10.32 -36.85
CA ARG A 198 15.61 -9.74 -38.07
C ARG A 198 16.60 -8.86 -38.84
N SER A 199 17.80 -8.71 -38.30
CA SER A 199 18.90 -8.01 -38.99
C SER A 199 19.86 -9.00 -39.64
N VAL B 27 25.94 5.14 23.88
CA VAL B 27 26.31 3.87 23.21
C VAL B 27 25.17 2.85 23.28
N GLU B 28 24.78 2.32 22.12
CA GLU B 28 23.65 1.39 22.02
C GLU B 28 24.13 -0.06 21.95
N GLU B 29 23.95 -0.78 23.07
CA GLU B 29 24.39 -2.17 23.17
C GLU B 29 23.25 -3.12 23.58
N TYR B 30 23.17 -4.25 22.89
CA TYR B 30 22.18 -5.29 23.18
C TYR B 30 22.86 -6.66 23.27
N GLU B 31 22.14 -7.66 23.77
CA GLU B 31 22.71 -8.98 24.03
C GLU B 31 22.98 -9.80 22.77
N LEU B 32 24.04 -10.61 22.82
CA LEU B 32 24.42 -11.48 21.71
C LEU B 32 24.46 -12.94 22.14
N ASP B 33 23.77 -13.79 21.39
CA ASP B 33 23.85 -15.24 21.57
C ASP B 33 24.88 -15.79 20.59
N VAL B 34 26.06 -16.12 21.11
CA VAL B 34 27.20 -16.55 20.29
C VAL B 34 26.92 -17.87 19.57
N GLU B 35 26.36 -18.83 20.29
CA GLU B 35 26.06 -20.16 19.75
C GLU B 35 25.08 -20.09 18.56
N ALA B 36 24.11 -19.17 18.66
CA ALA B 36 23.17 -18.94 17.57
C ALA B 36 23.88 -18.34 16.35
N LEU B 37 24.85 -17.48 16.59
CA LEU B 37 25.64 -16.86 15.52
C LEU B 37 26.48 -17.90 14.79
N VAL B 38 27.00 -18.88 15.53
CA VAL B 38 27.76 -19.99 14.94
C VAL B 38 26.87 -20.83 14.02
N VAL B 39 25.67 -21.16 14.50
CA VAL B 39 24.64 -21.84 13.70
C VAL B 39 24.35 -21.06 12.40
N ILE B 40 24.14 -19.76 12.52
CA ILE B 40 23.84 -18.88 11.38
C ILE B 40 24.98 -18.83 10.34
N LEU B 41 26.22 -18.71 10.82
CA LEU B 41 27.39 -18.68 9.93
C LEU B 41 27.60 -20.00 9.19
N ARG B 42 27.50 -21.10 9.94
CA ARG B 42 27.64 -22.45 9.40
C ARG B 42 26.56 -22.79 8.38
N ASP B 43 25.32 -22.39 8.66
CA ASP B 43 24.20 -22.58 7.74
C ASP B 43 24.40 -21.83 6.44
N ARG B 44 25.23 -20.79 6.49
CA ARG B 44 25.54 -19.96 5.33
C ARG B 44 26.94 -20.25 4.80
N ASN B 45 27.52 -21.36 5.27
CA ASN B 45 28.81 -21.86 4.82
C ASN B 45 29.97 -20.86 4.96
N ILE B 46 29.86 -19.99 5.95
CA ILE B 46 30.90 -19.01 6.24
C ILE B 46 31.89 -19.65 7.20
N PRO B 47 33.11 -19.95 6.72
CA PRO B 47 34.07 -20.80 7.45
C PRO B 47 34.70 -20.13 8.65
N ARG B 48 34.81 -18.80 8.61
CA ARG B 48 35.58 -18.03 9.56
C ARG B 48 34.72 -17.46 10.70
N ASN B 49 35.28 -17.45 11.90
CA ASN B 49 34.63 -16.86 13.06
C ASN B 49 35.14 -15.45 13.34
N PRO B 50 34.20 -14.48 13.48
CA PRO B 50 34.57 -13.09 13.73
C PRO B 50 35.20 -12.87 15.10
N LEU B 51 35.94 -11.78 15.23
CA LEU B 51 36.67 -11.45 16.44
C LEU B 51 35.90 -10.49 17.33
N HIS B 52 36.37 -10.34 18.56
CA HIS B 52 35.89 -9.31 19.47
C HIS B 52 36.29 -7.95 18.95
N GLY B 53 35.30 -7.11 18.69
CA GLY B 53 35.53 -5.77 18.17
C GLY B 53 35.52 -5.71 16.66
N GLU B 54 35.08 -6.81 16.03
CA GLU B 54 34.97 -6.86 14.58
C GLU B 54 33.59 -6.37 14.13
N VAL B 55 33.58 -5.66 13.01
CA VAL B 55 32.36 -5.09 12.46
C VAL B 55 31.70 -6.08 11.48
N ILE B 56 30.40 -6.32 11.69
CA ILE B 56 29.60 -7.21 10.84
C ILE B 56 28.57 -6.40 10.06
N GLY B 57 28.54 -6.60 8.75
CA GLY B 57 27.51 -6.01 7.90
C GLY B 57 26.35 -6.99 7.73
N LEU B 58 25.16 -6.55 8.09
CA LEU B 58 23.97 -7.41 8.04
C LEU B 58 23.02 -6.99 6.94
N ARG B 59 22.58 -7.96 6.14
CA ARG B 59 21.51 -7.75 5.17
C ARG B 59 20.24 -8.44 5.65
N LEU B 60 19.27 -7.63 6.09
CA LEU B 60 17.99 -8.12 6.55
C LEU B 60 17.05 -8.27 5.37
N THR B 61 16.82 -9.51 4.94
CA THR B 61 16.05 -9.79 3.71
C THR B 61 14.57 -9.49 3.85
N GLU B 62 14.07 -9.56 5.08
CA GLU B 62 12.68 -9.28 5.41
C GLU B 62 12.52 -9.02 6.90
N GLY B 63 11.47 -8.31 7.27
CA GLY B 63 11.16 -8.02 8.68
C GLY B 63 9.73 -7.57 8.88
N TRP B 64 9.52 -6.69 9.85
CA TRP B 64 8.20 -6.13 10.11
C TRP B 64 7.82 -5.08 9.10
N TRP B 65 8.83 -4.45 8.52
CA TRP B 65 8.63 -3.40 7.51
C TRP B 65 8.06 -3.93 6.23
N GLY B 66 8.48 -5.14 5.87
CA GLY B 66 8.02 -5.80 4.64
C GLY B 66 9.02 -6.81 4.12
N GLN B 67 8.75 -7.32 2.92
CA GLN B 67 9.62 -8.30 2.27
C GLN B 67 10.67 -7.61 1.40
N ILE B 68 11.11 -6.44 1.85
CA ILE B 68 12.12 -5.67 1.14
C ILE B 68 13.42 -5.66 1.95
N GLU B 69 14.56 -5.63 1.26
CA GLU B 69 15.86 -5.77 1.92
C GLU B 69 16.36 -4.49 2.60
N ARG B 70 16.86 -4.64 3.83
CA ARG B 70 17.37 -3.53 4.62
C ARG B 70 18.72 -3.89 5.23
N PHE B 71 19.45 -2.88 5.70
CA PHE B 71 20.83 -3.06 6.17
C PHE B 71 21.07 -2.48 7.56
N GLN B 72 21.92 -3.16 8.33
CA GLN B 72 22.28 -2.75 9.69
C GLN B 72 23.72 -3.15 9.97
N MET B 73 24.41 -2.31 10.74
CA MET B 73 25.82 -2.55 11.07
C MET B 73 26.00 -2.83 12.56
N VAL B 74 26.77 -3.87 12.88
CA VAL B 74 27.02 -4.26 14.27
C VAL B 74 28.49 -4.56 14.56
N ARG B 75 28.91 -4.28 15.80
CA ARG B 75 30.25 -4.65 16.27
C ARG B 75 30.13 -5.63 17.44
N LEU B 76 30.93 -6.69 17.42
CA LEU B 76 30.84 -7.75 18.44
C LEU B 76 31.63 -7.42 19.70
N ILE B 77 31.03 -7.73 20.85
CA ILE B 77 31.69 -7.56 22.15
C ILE B 77 31.63 -8.89 22.91
N LEU B 78 32.75 -9.60 22.92
CA LEU B 78 32.85 -10.91 23.53
C LEU B 78 33.53 -10.86 24.90
N GLN B 79 34.30 -9.80 25.14
CA GLN B 79 35.10 -9.67 26.36
C GLN B 79 35.22 -8.24 26.87
N ASN B 80 35.50 -8.07 28.16
CA ASN B 80 35.58 -6.74 28.78
C ASN B 80 36.87 -5.98 28.46
N ASP B 81 37.06 -4.87 29.15
CA ASP B 81 38.19 -3.96 28.93
C ASP B 81 39.56 -4.61 29.13
N ASP B 82 39.63 -5.60 30.01
CA ASP B 82 40.87 -6.33 30.28
C ASP B 82 41.00 -7.59 29.42
N ASN B 83 40.11 -7.72 28.44
CA ASN B 83 40.02 -8.90 27.56
C ASN B 83 39.62 -10.18 28.29
N GLU B 84 38.97 -10.03 29.44
CA GLU B 84 38.37 -11.16 30.15
C GLU B 84 37.02 -11.44 29.49
N PRO B 85 36.76 -12.73 29.16
CA PRO B 85 35.55 -13.09 28.42
C PRO B 85 34.26 -12.74 29.18
N LEU B 86 33.29 -12.17 28.49
CA LEU B 86 32.03 -11.79 29.10
C LEU B 86 31.13 -12.99 29.31
N GLN B 87 30.49 -13.04 30.47
CA GLN B 87 29.50 -14.06 30.79
C GLN B 87 28.30 -13.91 29.86
N ARG B 88 27.88 -12.65 29.65
CA ARG B 88 26.82 -12.32 28.72
C ARG B 88 27.33 -11.35 27.67
N PRO B 89 27.72 -11.87 26.50
CA PRO B 89 28.29 -11.06 25.41
C PRO B 89 27.29 -10.07 24.84
N ARG B 90 27.80 -8.99 24.25
CA ARG B 90 26.96 -7.97 23.67
C ARG B 90 27.38 -7.63 22.23
N TYR B 91 26.53 -6.88 21.54
CA TYR B 91 26.88 -6.27 20.27
C TYR B 91 26.44 -4.81 20.29
N GLU B 92 27.15 -3.96 19.56
CA GLU B 92 26.75 -2.56 19.46
C GLU B 92 26.39 -2.15 18.04
N VAL B 93 25.41 -1.26 17.93
CA VAL B 93 24.93 -0.75 16.66
C VAL B 93 25.75 0.47 16.26
N ILE B 94 26.35 0.42 15.07
CA ILE B 94 27.20 1.50 14.57
C ILE B 94 26.48 2.33 13.52
N GLN B 95 26.41 3.64 13.72
CA GLN B 95 25.80 4.55 12.75
C GLN B 95 26.71 4.76 11.55
N ARG B 96 26.75 3.75 10.67
CA ARG B 96 27.45 3.83 9.40
C ARG B 96 26.75 2.92 8.41
N ALA B 97 26.75 3.34 7.14
CA ALA B 97 26.14 2.55 6.06
C ALA B 97 27.01 1.37 5.68
N VAL B 98 26.37 0.20 5.55
CA VAL B 98 27.02 -1.04 5.17
C VAL B 98 27.50 -0.99 3.71
N ASN B 99 28.75 -1.39 3.49
CA ASN B 99 29.27 -1.65 2.16
C ASN B 99 29.47 -3.15 1.95
N PRO B 100 28.50 -3.81 1.29
CA PRO B 100 28.53 -5.27 1.08
C PRO B 100 29.68 -5.74 0.21
N HIS B 101 30.33 -4.82 -0.50
CA HIS B 101 31.46 -5.15 -1.36
C HIS B 101 32.74 -5.36 -0.58
N THR B 102 32.88 -4.67 0.54
CA THR B 102 34.14 -4.68 1.29
C THR B 102 34.06 -5.32 2.68
N MET B 103 32.84 -5.63 3.13
CA MET B 103 32.62 -6.06 4.52
C MET B 103 32.31 -7.55 4.70
N PHE B 104 32.46 -8.01 5.94
CA PHE B 104 31.97 -9.31 6.37
C PHE B 104 30.44 -9.26 6.45
N MET B 105 29.80 -10.08 5.63
CA MET B 105 28.34 -9.99 5.44
C MET B 105 27.56 -11.22 5.93
N ILE B 106 26.37 -10.97 6.47
CA ILE B 106 25.42 -12.03 6.79
C ILE B 106 24.04 -11.64 6.26
N SER B 107 23.49 -12.48 5.39
CA SER B 107 22.13 -12.27 4.87
C SER B 107 21.14 -13.20 5.56
N GLY B 108 19.90 -12.74 5.70
CA GLY B 108 18.84 -13.56 6.28
C GLY B 108 17.67 -12.72 6.77
N PRO B 109 16.54 -13.39 7.09
CA PRO B 109 15.37 -12.70 7.64
C PRO B 109 15.62 -12.20 9.06
N LEU B 110 14.94 -11.14 9.45
CA LEU B 110 15.10 -10.55 10.78
C LEU B 110 14.89 -11.56 11.90
N ALA B 111 13.85 -12.37 11.78
CA ALA B 111 13.46 -13.34 12.80
C ALA B 111 14.50 -14.44 13.03
N GLU B 112 15.37 -14.65 12.04
CA GLU B 112 16.44 -15.64 12.15
C GLU B 112 17.68 -15.02 12.81
N LEU B 113 17.92 -13.74 12.50
CA LEU B 113 19.06 -13.01 13.02
C LEU B 113 18.81 -12.46 14.42
N GLN B 114 17.54 -12.34 14.80
CA GLN B 114 17.15 -11.92 16.15
C GLN B 114 17.46 -12.99 17.21
N LEU B 115 17.71 -14.21 16.77
CA LEU B 115 18.15 -15.29 17.66
C LEU B 115 19.58 -15.04 18.11
N ALA B 116 20.42 -14.54 17.20
CA ALA B 116 21.80 -14.21 17.54
C ALA B 116 21.90 -12.79 18.09
N PHE B 117 21.36 -11.83 17.36
CA PHE B 117 21.40 -10.42 17.76
C PHE B 117 20.06 -10.03 18.39
N GLN B 118 19.98 -10.14 19.71
CA GLN B 118 18.74 -9.88 20.45
C GLN B 118 18.27 -8.45 20.28
N ASP B 119 16.96 -8.30 20.03
CA ASP B 119 16.30 -7.00 19.81
C ASP B 119 16.88 -6.21 18.64
N LEU B 120 17.23 -6.92 17.57
CA LEU B 120 17.75 -6.29 16.35
C LEU B 120 16.65 -5.51 15.64
N ASP B 121 16.97 -4.28 15.27
CA ASP B 121 16.03 -3.39 14.59
C ASP B 121 16.76 -2.56 13.53
N LEU B 122 16.01 -1.75 12.79
CA LEU B 122 16.55 -0.91 11.73
C LEU B 122 17.33 0.29 12.27
N PRO B 123 18.41 0.67 11.58
CA PRO B 123 19.18 1.86 11.96
C PRO B 123 18.45 3.18 11.71
N GLU B 124 19.06 4.28 12.16
CA GLU B 124 18.51 5.62 12.03
C GLU B 124 18.61 6.16 10.60
N GLY B 125 17.50 6.68 10.09
CA GLY B 125 17.46 7.40 8.83
C GLY B 125 17.75 6.56 7.59
N PRO B 126 18.43 7.15 6.60
CA PRO B 126 18.70 6.50 5.32
C PRO B 126 19.75 5.38 5.41
N LEU B 127 20.40 5.26 6.57
CA LEU B 127 21.40 4.22 6.80
C LEU B 127 20.89 2.81 6.47
N ARG B 128 19.58 2.62 6.62
CA ARG B 128 18.93 1.34 6.32
C ARG B 128 19.08 0.90 4.86
N PHE B 129 19.29 1.87 3.97
CA PHE B 129 19.44 1.59 2.54
C PHE B 129 20.79 0.98 2.19
N GLY B 130 21.73 1.04 3.13
CA GLY B 130 23.06 0.43 2.96
C GLY B 130 23.88 1.05 1.85
N PRO B 131 24.02 0.32 0.72
CA PRO B 131 24.73 0.81 -0.47
C PRO B 131 24.12 2.09 -1.04
N LEU B 132 22.83 2.29 -0.77
CA LEU B 132 22.11 3.48 -1.27
C LEU B 132 21.73 4.48 -0.18
N ALA B 133 22.42 4.40 0.97
CA ALA B 133 22.26 5.40 2.03
C ALA B 133 22.83 6.75 1.58
N ASN B 134 23.82 6.69 0.70
CA ASN B 134 24.42 7.86 0.07
C ASN B 134 23.63 8.34 -1.15
N GLY B 135 22.59 7.60 -1.51
CA GLY B 135 21.71 7.95 -2.63
C GLY B 135 22.33 7.73 -3.98
N HIS B 136 23.41 6.96 -4.03
CA HIS B 136 24.11 6.69 -5.28
C HIS B 136 23.45 5.56 -6.01
N TYR B 137 22.58 5.93 -6.95
CA TYR B 137 21.85 4.95 -7.75
C TYR B 137 22.54 4.76 -9.10
N VAL B 138 22.70 3.50 -9.51
CA VAL B 138 23.43 3.16 -10.73
C VAL B 138 22.68 2.08 -11.52
N GLN B 139 22.61 2.28 -12.84
CA GLN B 139 22.06 1.28 -13.74
C GLN B 139 22.98 0.06 -13.78
N GLY B 140 22.41 -1.13 -13.60
CA GLY B 140 23.16 -2.38 -13.65
C GLY B 140 23.63 -2.87 -12.29
N ASP B 141 23.68 -1.96 -11.32
CA ASP B 141 24.02 -2.28 -9.95
C ASP B 141 22.95 -3.19 -9.34
N PRO B 142 23.35 -4.40 -8.90
CA PRO B 142 22.41 -5.33 -8.25
C PRO B 142 21.67 -4.71 -7.05
N TYR B 143 22.39 -3.95 -6.23
CA TYR B 143 21.81 -3.36 -5.03
C TYR B 143 20.88 -2.18 -5.30
N SER B 144 21.05 -1.55 -6.47
CA SER B 144 20.14 -0.51 -6.92
C SER B 144 18.83 -1.14 -7.38
N SER B 145 18.95 -2.31 -7.99
CA SER B 145 17.79 -3.08 -8.45
C SER B 145 17.00 -3.65 -7.27
N SER B 146 17.71 -4.02 -6.21
CA SER B 146 17.09 -4.57 -5.01
C SER B 146 16.54 -3.49 -4.08
N TYR B 147 16.96 -2.24 -4.32
CA TYR B 147 16.50 -1.12 -3.49
C TYR B 147 14.99 -0.92 -3.55
N ARG B 148 14.40 -0.71 -2.39
CA ARG B 148 12.99 -0.35 -2.28
C ARG B 148 12.83 0.80 -1.28
N PRO B 149 11.94 1.75 -1.57
CA PRO B 149 11.74 2.91 -0.68
C PRO B 149 11.06 2.49 0.63
N VAL B 150 10.96 3.41 1.58
CA VAL B 150 10.38 3.11 2.89
C VAL B 150 8.88 2.88 2.85
N THR B 151 8.40 2.01 3.73
CA THR B 151 6.97 1.71 3.85
C THR B 151 6.31 2.62 4.88
N MET B 152 5.00 2.48 5.03
CA MET B 152 4.24 3.29 5.98
C MET B 152 4.50 2.90 7.43
N ALA B 153 4.90 1.64 7.63
CA ALA B 153 5.30 1.15 8.95
C ALA B 153 6.60 1.80 9.39
N GLU B 154 7.50 2.01 8.44
CA GLU B 154 8.79 2.63 8.71
C GLU B 154 8.64 4.11 9.06
N THR B 155 7.84 4.83 8.27
CA THR B 155 7.65 6.27 8.45
C THR B 155 6.92 6.63 9.73
N ALA B 156 6.05 5.73 10.20
CA ALA B 156 5.32 5.92 11.46
C ALA B 156 6.26 5.94 12.66
N GLN B 157 7.41 5.26 12.52
CA GLN B 157 8.39 5.13 13.61
C GLN B 157 9.47 6.20 13.61
N MET B 158 9.63 6.89 12.48
CA MET B 158 10.72 7.86 12.31
C MET B 158 10.48 9.19 13.01
N THR B 159 11.58 9.87 13.35
CA THR B 159 11.52 11.23 13.89
C THR B 159 11.64 12.23 12.74
N ARG B 160 11.46 13.51 13.05
CA ARG B 160 11.51 14.56 12.03
C ARG B 160 12.82 14.54 11.25
N ASP B 161 13.94 14.43 11.97
CA ASP B 161 15.27 14.41 11.34
C ASP B 161 15.49 13.17 10.45
N GLU B 162 15.04 12.02 10.94
CA GLU B 162 15.06 10.77 10.17
C GLU B 162 14.31 10.94 8.87
N LEU B 163 13.07 11.40 8.96
CA LEU B 163 12.21 11.64 7.80
C LEU B 163 12.87 12.58 6.80
N GLU B 164 13.40 13.70 7.29
CA GLU B 164 14.07 14.69 6.44
C GLU B 164 15.33 14.11 5.78
N ASP B 165 16.05 13.27 6.51
CA ASP B 165 17.23 12.60 5.95
C ASP B 165 16.84 11.58 4.88
N VAL B 166 15.91 10.70 5.21
CA VAL B 166 15.40 9.67 4.29
C VAL B 166 14.86 10.32 3.02
N LEU B 167 14.07 11.38 3.19
CA LEU B 167 13.49 12.12 2.09
C LEU B 167 14.56 12.73 1.19
N ASN B 168 15.62 13.29 1.78
CA ASN B 168 16.75 13.81 1.04
C ASN B 168 17.42 12.77 0.15
N THR B 169 17.66 11.59 0.71
CA THR B 169 18.30 10.50 0.00
C THR B 169 17.39 9.94 -1.10
N GLN B 170 16.14 9.64 -0.73
CA GLN B 170 15.15 9.11 -1.68
C GLN B 170 14.88 10.09 -2.83
N SER B 171 14.99 11.39 -2.55
CA SER B 171 14.83 12.40 -3.59
C SER B 171 15.99 12.39 -4.59
N GLU B 172 17.19 12.13 -4.10
CA GLU B 172 18.36 12.02 -4.99
C GLU B 172 18.28 10.73 -5.83
N ILE B 173 17.77 9.67 -5.23
CA ILE B 173 17.53 8.41 -5.94
C ILE B 173 16.48 8.62 -7.02
N GLU B 174 15.47 9.43 -6.72
CA GLU B 174 14.41 9.76 -7.69
C GLU B 174 14.95 10.50 -8.92
N ILE B 175 15.82 11.49 -8.69
CA ILE B 175 16.48 12.22 -9.79
C ILE B 175 17.15 11.24 -10.74
N GLN B 176 17.90 10.30 -10.16
CA GLN B 176 18.59 9.25 -10.91
C GLN B 176 17.61 8.37 -11.69
N MET B 177 16.50 7.99 -11.04
CA MET B 177 15.49 7.13 -11.64
C MET B 177 14.76 7.82 -12.80
N ILE B 178 14.47 9.11 -12.62
CA ILE B 178 13.86 9.93 -13.68
C ILE B 178 14.77 10.01 -14.91
N ASN B 179 16.07 10.21 -14.67
CA ASN B 179 17.06 10.26 -15.74
C ASN B 179 17.13 8.95 -16.53
N LEU B 180 17.05 7.83 -15.80
CA LEU B 180 17.06 6.51 -16.43
C LEU B 180 15.78 6.21 -17.18
N LEU B 181 14.66 6.78 -16.73
CA LEU B 181 13.38 6.62 -17.41
C LEU B 181 13.35 7.33 -18.76
N GLU B 182 13.87 8.56 -18.78
CA GLU B 182 13.96 9.34 -20.01
C GLU B 182 14.99 8.75 -20.97
N LEU B 183 16.01 8.10 -20.42
CA LEU B 183 17.03 7.42 -21.22
C LEU B 183 16.47 6.15 -21.85
N TYR B 184 15.67 5.41 -21.07
CA TYR B 184 15.01 4.20 -21.59
C TYR B 184 13.94 4.51 -22.64
N GLU B 185 13.31 5.68 -22.53
CA GLU B 185 12.32 6.11 -23.50
C GLU B 185 12.94 6.41 -24.86
N VAL B 186 14.12 7.01 -24.85
CA VAL B 186 14.90 7.27 -26.06
C VAL B 186 15.46 5.94 -26.60
N GLU B 187 15.96 5.10 -25.70
CA GLU B 187 16.50 3.79 -26.06
C GLU B 187 15.44 2.93 -26.75
N THR B 188 14.28 2.77 -26.11
CA THR B 188 13.16 2.02 -26.69
C THR B 188 12.73 2.59 -28.04
N ARG B 189 12.59 3.91 -28.12
CA ARG B 189 12.11 4.59 -29.32
C ARG B 189 13.02 4.36 -30.53
N ALA B 190 14.30 4.65 -30.37
CA ALA B 190 15.29 4.46 -31.43
C ALA B 190 15.45 2.99 -31.82
N LEU B 191 15.16 2.10 -30.88
CA LEU B 191 15.23 0.66 -31.11
C LEU B 191 14.06 0.19 -31.97
N ARG B 192 12.86 0.70 -31.67
CA ARG B 192 11.67 0.41 -32.48
C ARG B 192 11.77 0.99 -33.89
N ARG B 193 12.47 2.11 -34.03
CA ARG B 193 12.67 2.77 -35.31
C ARG B 193 13.56 1.93 -36.22
N GLN B 194 14.66 1.41 -35.67
CA GLN B 194 15.59 0.56 -36.40
C GLN B 194 14.98 -0.82 -36.69
N LEU B 195 14.00 -1.21 -35.89
CA LEU B 195 13.27 -2.46 -36.11
C LEU B 195 12.22 -2.29 -37.22
N ALA B 196 11.65 -1.09 -37.30
CA ALA B 196 10.61 -0.79 -38.28
C ALA B 196 11.15 -0.65 -39.71
N GLU B 197 12.34 -0.05 -39.84
CA GLU B 197 12.98 0.11 -41.15
C GLU B 197 13.50 -1.21 -41.71
N ARG B 198 13.65 -2.20 -40.82
CA ARG B 198 14.01 -3.57 -41.19
C ARG B 198 12.78 -4.46 -41.24
N SER B 199 11.65 -3.92 -40.78
CA SER B 199 10.36 -4.63 -40.70
C SER B 199 10.46 -5.97 -39.95
N GLU C 29 1.38 -23.89 23.48
CA GLU C 29 1.99 -25.25 23.34
C GLU C 29 0.94 -26.35 23.45
N TYR C 30 1.16 -27.44 22.70
CA TYR C 30 0.23 -28.57 22.67
C TYR C 30 0.98 -29.90 22.59
N GLU C 31 0.27 -31.00 22.84
CA GLU C 31 0.84 -32.35 22.85
C GLU C 31 1.35 -32.80 21.48
N LEU C 32 2.48 -33.51 21.48
CA LEU C 32 3.08 -34.03 20.26
C LEU C 32 3.32 -35.53 20.35
N ASP C 33 2.90 -36.26 19.32
CA ASP C 33 3.15 -37.69 19.24
C ASP C 33 4.22 -37.97 18.20
N VAL C 34 5.44 -38.25 18.70
CA VAL C 34 6.59 -38.54 17.84
C VAL C 34 6.32 -39.74 16.94
N GLU C 35 5.72 -40.77 17.52
CA GLU C 35 5.38 -42.00 16.78
C GLU C 35 4.62 -41.70 15.49
N ALA C 36 3.56 -40.89 15.60
CA ALA C 36 2.75 -40.52 14.45
C ALA C 36 3.49 -39.61 13.46
N LEU C 37 4.36 -38.75 13.99
CA LEU C 37 5.15 -37.84 13.15
C LEU C 37 6.15 -38.59 12.26
N VAL C 38 6.76 -39.64 12.81
CA VAL C 38 7.71 -40.48 12.07
C VAL C 38 7.00 -41.30 10.99
N VAL C 39 5.78 -41.73 11.29
CA VAL C 39 4.91 -42.42 10.32
C VAL C 39 4.55 -41.46 9.18
N ILE C 40 4.19 -40.24 9.54
CA ILE C 40 3.84 -39.19 8.56
C ILE C 40 5.02 -38.89 7.64
N LEU C 41 6.22 -38.79 8.21
CA LEU C 41 7.43 -38.51 7.44
C LEU C 41 7.85 -39.70 6.56
N ARG C 42 7.67 -40.92 7.06
CA ARG C 42 8.00 -42.12 6.30
C ARG C 42 7.01 -42.40 5.17
N ASP C 43 5.72 -42.16 5.44
CA ASP C 43 4.68 -42.23 4.42
C ASP C 43 4.97 -41.29 3.26
N ARG C 44 5.58 -40.14 3.58
CA ARG C 44 5.92 -39.12 2.61
C ARG C 44 7.38 -39.21 2.15
N ASN C 45 8.06 -40.28 2.55
CA ASN C 45 9.45 -40.55 2.16
C ASN C 45 10.42 -39.40 2.40
N ILE C 46 10.18 -38.66 3.48
CA ILE C 46 11.02 -37.52 3.82
C ILE C 46 12.25 -37.99 4.60
N PRO C 47 13.45 -37.84 3.99
CA PRO C 47 14.70 -38.38 4.54
C PRO C 47 15.11 -37.70 5.85
N ARG C 48 14.86 -36.39 5.94
CA ARG C 48 15.24 -35.58 7.09
C ARG C 48 14.68 -36.13 8.40
N ASN C 49 15.53 -36.12 9.43
CA ASN C 49 15.08 -36.37 10.80
C ASN C 49 15.19 -35.10 11.63
N PRO C 50 14.07 -34.37 11.80
CA PRO C 50 14.02 -33.11 12.53
C PRO C 50 14.45 -33.24 13.98
N LEU C 51 14.94 -32.13 14.54
CA LEU C 51 15.45 -32.11 15.91
C LEU C 51 14.55 -31.31 16.85
N HIS C 52 14.96 -31.22 18.11
CA HIS C 52 14.32 -30.35 19.09
C HIS C 52 14.59 -28.91 18.74
N GLY C 53 13.53 -28.11 18.69
CA GLY C 53 13.65 -26.68 18.38
C GLY C 53 13.62 -26.37 16.90
N GLU C 54 13.56 -27.41 16.07
CA GLU C 54 13.50 -27.26 14.62
C GLU C 54 12.11 -26.81 14.16
N VAL C 55 12.06 -25.72 13.40
CA VAL C 55 10.79 -25.12 12.95
C VAL C 55 10.33 -25.78 11.66
N ILE C 56 9.05 -26.19 11.63
CA ILE C 56 8.47 -26.88 10.49
C ILE C 56 7.22 -26.16 9.96
N GLY C 57 7.16 -25.99 8.65
CA GLY C 57 5.97 -25.46 7.99
C GLY C 57 5.02 -26.57 7.58
N LEU C 58 3.73 -26.27 7.66
CA LEU C 58 2.69 -27.27 7.36
C LEU C 58 1.71 -26.77 6.31
N ARG C 59 1.59 -27.51 5.21
CA ARG C 59 0.58 -27.24 4.19
C ARG C 59 -0.60 -28.19 4.37
N LEU C 60 -1.66 -27.65 4.95
CA LEU C 60 -2.87 -28.42 5.23
C LEU C 60 -3.79 -28.38 4.03
N THR C 61 -3.67 -29.40 3.17
CA THR C 61 -4.41 -29.50 1.91
C THR C 61 -5.93 -29.39 2.08
N GLU C 62 -6.43 -29.87 3.22
CA GLU C 62 -7.85 -29.77 3.56
C GLU C 62 -8.06 -29.83 5.07
N GLY C 63 -9.31 -29.65 5.49
CA GLY C 63 -9.69 -29.68 6.90
C GLY C 63 -11.15 -29.31 7.10
N TRP C 64 -11.49 -28.90 8.32
CA TRP C 64 -12.87 -28.52 8.66
C TRP C 64 -13.37 -27.34 7.85
N TRP C 65 -12.46 -26.47 7.44
CA TRP C 65 -12.81 -25.27 6.67
C TRP C 65 -13.24 -25.59 5.27
N GLY C 66 -12.76 -26.71 4.73
CA GLY C 66 -13.09 -27.13 3.39
C GLY C 66 -11.96 -27.84 2.67
N GLN C 67 -12.17 -28.12 1.40
CA GLN C 67 -11.20 -28.82 0.56
C GLN C 67 -10.24 -27.83 -0.10
N ILE C 68 -9.84 -26.80 0.65
CA ILE C 68 -8.95 -25.75 0.17
C ILE C 68 -7.75 -25.59 1.10
N GLU C 69 -6.57 -25.29 0.54
CA GLU C 69 -5.33 -25.31 1.33
C GLU C 69 -5.13 -24.11 2.27
N ARG C 70 -4.65 -24.42 3.47
CA ARG C 70 -4.29 -23.43 4.48
C ARG C 70 -2.96 -23.82 5.11
N PHE C 71 -2.28 -22.85 5.73
CA PHE C 71 -0.92 -23.06 6.25
C PHE C 71 -0.80 -22.83 7.75
N GLN C 72 0.14 -23.55 8.38
CA GLN C 72 0.42 -23.40 9.81
C GLN C 72 1.92 -23.63 10.09
N MET C 73 2.47 -22.90 11.06
CA MET C 73 3.88 -23.05 11.43
C MET C 73 4.02 -23.59 12.86
N VAL C 74 4.90 -24.57 13.05
CA VAL C 74 5.14 -25.19 14.36
C VAL C 74 6.63 -25.37 14.67
N ARG C 75 6.94 -25.55 15.96
CA ARG C 75 8.30 -25.87 16.42
C ARG C 75 8.26 -27.05 17.38
N LEU C 76 9.17 -28.02 17.18
CA LEU C 76 9.18 -29.26 17.95
C LEU C 76 9.90 -29.12 19.30
N ILE C 77 9.33 -29.75 20.33
CA ILE C 77 9.97 -29.86 21.64
C ILE C 77 10.14 -31.32 22.02
N LEU C 78 11.37 -31.82 21.88
CA LEU C 78 11.69 -33.22 22.16
C LEU C 78 12.38 -33.38 23.52
N GLN C 79 12.82 -32.27 24.09
CA GLN C 79 13.53 -32.27 25.37
C GLN C 79 13.30 -30.98 26.16
N ASN C 80 13.66 -31.00 27.45
CA ASN C 80 13.54 -29.82 28.30
C ASN C 80 14.69 -28.84 28.10
N ASP C 81 14.67 -27.74 28.85
CA ASP C 81 15.68 -26.68 28.74
C ASP C 81 17.04 -27.13 29.29
N ASP C 82 17.04 -28.14 30.15
CA ASP C 82 18.26 -28.77 30.63
C ASP C 82 18.79 -29.82 29.63
N ASN C 83 18.19 -29.83 28.44
CA ASN C 83 18.57 -30.73 27.33
C ASN C 83 18.19 -32.20 27.52
N GLU C 84 17.59 -32.52 28.66
CA GLU C 84 17.15 -33.88 28.96
C GLU C 84 15.81 -34.20 28.29
N PRO C 85 15.72 -35.37 27.65
CA PRO C 85 14.49 -35.78 26.94
C PRO C 85 13.29 -35.98 27.87
N LEU C 86 12.16 -35.38 27.51
CA LEU C 86 10.92 -35.50 28.27
C LEU C 86 10.00 -36.60 27.74
N GLN C 87 9.42 -37.36 28.66
CA GLN C 87 8.54 -38.51 28.35
C GLN C 87 7.47 -38.15 27.32
N ARG C 88 6.75 -37.05 27.56
CA ARG C 88 5.76 -36.57 26.60
C ARG C 88 6.25 -35.31 25.87
N PRO C 89 6.54 -35.45 24.56
CA PRO C 89 6.99 -34.31 23.76
C PRO C 89 5.87 -33.32 23.51
N ARG C 90 6.23 -32.07 23.28
CA ARG C 90 5.28 -31.02 22.97
C ARG C 90 5.67 -30.31 21.67
N TYR C 91 4.77 -29.49 21.14
CA TYR C 91 5.09 -28.62 20.02
C TYR C 91 4.47 -27.24 20.29
N GLU C 92 5.10 -26.20 19.76
CA GLU C 92 4.58 -24.84 19.92
C GLU C 92 4.22 -24.20 18.58
N VAL C 93 3.24 -23.30 18.62
CA VAL C 93 2.76 -22.60 17.43
C VAL C 93 3.56 -21.31 17.23
N ILE C 94 4.26 -21.23 16.10
CA ILE C 94 5.07 -20.05 15.76
C ILE C 94 4.30 -19.12 14.83
N GLN C 95 4.13 -17.88 15.28
CA GLN C 95 3.31 -16.90 14.56
C GLN C 95 4.12 -16.12 13.51
N ARG C 96 4.32 -16.77 12.37
CA ARG C 96 5.02 -16.20 11.23
C ARG C 96 4.47 -16.84 9.95
N ALA C 97 4.45 -16.06 8.86
CA ALA C 97 3.95 -16.55 7.58
C ALA C 97 4.78 -17.72 7.06
N VAL C 98 4.12 -18.84 6.80
CA VAL C 98 4.78 -20.04 6.30
C VAL C 98 5.36 -19.78 4.92
N ASN C 99 6.66 -20.05 4.77
CA ASN C 99 7.35 -19.81 3.52
C ASN C 99 7.88 -21.10 2.89
N PRO C 100 7.14 -21.65 1.92
CA PRO C 100 7.65 -22.79 1.14
C PRO C 100 8.92 -22.43 0.36
N HIS C 101 9.75 -23.43 0.10
CA HIS C 101 11.02 -23.27 -0.64
C HIS C 101 12.11 -22.55 0.13
N THR C 102 11.91 -22.35 1.43
CA THR C 102 12.98 -21.89 2.33
C THR C 102 13.05 -22.73 3.59
N MET C 103 11.91 -22.94 4.23
CA MET C 103 11.84 -23.76 5.44
C MET C 103 11.34 -25.17 5.11
N PHE C 104 11.48 -26.09 6.06
CA PHE C 104 11.07 -27.48 5.88
C PHE C 104 9.55 -27.63 5.91
N MET C 105 9.03 -28.39 4.96
CA MET C 105 7.58 -28.44 4.68
C MET C 105 6.96 -29.84 4.69
N ILE C 106 5.84 -29.99 5.41
CA ILE C 106 5.03 -31.21 5.38
C ILE C 106 3.64 -30.88 4.85
N SER C 107 3.13 -31.72 3.96
CA SER C 107 1.81 -31.50 3.34
C SER C 107 0.86 -32.67 3.58
N GLY C 108 -0.39 -32.36 3.91
CA GLY C 108 -1.41 -33.37 4.13
C GLY C 108 -2.71 -32.85 4.76
N PRO C 109 -3.77 -33.68 4.75
CA PRO C 109 -5.05 -33.31 5.36
C PRO C 109 -4.92 -33.13 6.88
N LEU C 110 -5.74 -32.23 7.45
CA LEU C 110 -5.68 -31.91 8.87
C LEU C 110 -5.88 -33.13 9.76
N ALA C 111 -6.85 -33.99 9.39
CA ALA C 111 -7.17 -35.19 10.16
C ALA C 111 -5.97 -36.14 10.30
N GLU C 112 -5.15 -36.22 9.25
CA GLU C 112 -3.96 -37.05 9.25
C GLU C 112 -2.83 -36.44 10.07
N LEU C 113 -2.63 -35.13 9.93
CA LEU C 113 -1.57 -34.41 10.63
C LEU C 113 -1.85 -34.20 12.13
N GLN C 114 -3.13 -34.28 12.50
CA GLN C 114 -3.57 -34.13 13.90
C GLN C 114 -3.10 -35.28 14.78
N LEU C 115 -2.87 -36.44 14.18
CA LEU C 115 -2.36 -37.60 14.90
C LEU C 115 -0.98 -37.30 15.48
N ALA C 116 -0.17 -36.54 14.75
CA ALA C 116 1.13 -36.07 15.23
C ALA C 116 0.98 -34.83 16.10
N PHE C 117 0.27 -33.84 15.59
CA PHE C 117 0.09 -32.57 16.30
C PHE C 117 -1.30 -32.46 16.87
N GLN C 118 -1.41 -32.72 18.18
CA GLN C 118 -2.71 -32.80 18.86
C GLN C 118 -3.38 -31.44 18.95
N ASP C 119 -4.71 -31.44 18.82
CA ASP C 119 -5.53 -30.23 18.88
C ASP C 119 -5.06 -29.12 17.93
N LEU C 120 -4.54 -29.52 16.76
CA LEU C 120 -4.00 -28.57 15.79
C LEU C 120 -5.11 -27.85 15.06
N ASP C 121 -4.97 -26.54 14.92
CA ASP C 121 -5.95 -25.70 14.24
C ASP C 121 -5.27 -24.60 13.43
N LEU C 122 -6.06 -23.84 12.68
CA LEU C 122 -5.57 -22.73 11.86
C LEU C 122 -5.01 -21.58 12.69
N PRO C 123 -3.92 -20.95 12.21
CA PRO C 123 -3.36 -19.77 12.88
C PRO C 123 -4.26 -18.55 12.75
N GLU C 124 -3.97 -17.51 13.52
CA GLU C 124 -4.78 -16.29 13.54
C GLU C 124 -4.64 -15.47 12.26
N GLY C 125 -5.78 -14.99 11.76
CA GLY C 125 -5.81 -14.04 10.65
C GLY C 125 -5.18 -14.49 9.34
N PRO C 126 -4.39 -13.60 8.71
CA PRO C 126 -3.84 -13.82 7.36
C PRO C 126 -2.73 -14.87 7.33
N LEU C 127 -2.19 -15.22 8.50
CA LEU C 127 -1.13 -16.23 8.61
C LEU C 127 -1.48 -17.52 7.88
N ARG C 128 -2.77 -17.86 7.86
CA ARG C 128 -3.28 -19.08 7.24
C ARG C 128 -3.09 -19.14 5.72
N PHE C 129 -2.85 -17.99 5.09
CA PHE C 129 -2.60 -17.91 3.65
C PHE C 129 -1.17 -18.29 3.28
N GLY C 130 -0.34 -18.53 4.29
CA GLY C 130 1.04 -18.96 4.08
C GLY C 130 1.90 -17.95 3.35
N PRO C 131 2.38 -18.31 2.14
CA PRO C 131 3.20 -17.39 1.34
C PRO C 131 2.41 -16.17 0.85
N LEU C 132 1.08 -16.26 0.86
CA LEU C 132 0.23 -15.14 0.47
C LEU C 132 -0.29 -14.33 1.66
N ALA C 133 0.32 -14.54 2.82
CA ALA C 133 -0.06 -13.81 4.05
C ALA C 133 0.28 -12.32 3.98
N ASN C 134 1.30 -11.99 3.18
CA ASN C 134 1.70 -10.60 2.97
C ASN C 134 1.00 -10.00 1.76
N GLY C 135 0.16 -10.81 1.12
CA GLY C 135 -0.70 -10.36 0.03
C GLY C 135 -0.04 -10.29 -1.34
N HIS C 136 1.10 -10.95 -1.51
N HIS C 136 1.10 -10.96 -1.51
CA HIS C 136 1.82 -10.93 -2.78
CA HIS C 136 1.82 -10.95 -2.77
C HIS C 136 1.34 -12.02 -3.71
C HIS C 136 1.34 -12.02 -3.70
N TYR C 137 0.61 -11.61 -4.74
CA TYR C 137 0.03 -12.53 -5.72
C TYR C 137 0.85 -12.50 -7.01
N VAL C 138 1.34 -13.67 -7.44
CA VAL C 138 2.18 -13.78 -8.64
C VAL C 138 1.58 -14.78 -9.62
N GLN C 139 1.48 -14.37 -10.89
CA GLN C 139 0.99 -15.23 -11.96
C GLN C 139 1.98 -16.37 -12.24
N GLY C 140 1.46 -17.60 -12.30
CA GLY C 140 2.28 -18.78 -12.54
C GLY C 140 2.57 -19.55 -11.27
N ASP C 141 2.78 -18.83 -10.17
CA ASP C 141 3.04 -19.42 -8.86
C ASP C 141 1.96 -20.44 -8.49
N PRO C 142 2.37 -21.68 -8.17
CA PRO C 142 1.44 -22.74 -7.75
C PRO C 142 0.60 -22.39 -6.52
N TYR C 143 1.19 -21.67 -5.57
CA TYR C 143 0.50 -21.30 -4.33
C TYR C 143 -0.51 -20.19 -4.53
N SER C 144 -0.29 -19.37 -5.56
CA SER C 144 -1.24 -18.31 -5.92
C SER C 144 -2.53 -18.89 -6.51
N SER C 145 -2.38 -19.89 -7.39
CA SER C 145 -3.51 -20.59 -7.98
C SER C 145 -4.32 -21.33 -6.92
N SER C 146 -3.60 -21.89 -5.94
CA SER C 146 -4.21 -22.64 -4.84
C SER C 146 -4.99 -21.74 -3.89
N TYR C 147 -4.59 -20.47 -3.80
CA TYR C 147 -5.22 -19.53 -2.88
C TYR C 147 -6.75 -19.44 -3.03
N ARG C 148 -7.44 -19.53 -1.91
CA ARG C 148 -8.88 -19.27 -1.82
C ARG C 148 -9.15 -18.43 -0.57
N PRO C 149 -10.05 -17.44 -0.68
CA PRO C 149 -10.38 -16.57 0.46
C PRO C 149 -11.08 -17.30 1.59
N VAL C 150 -11.15 -16.66 2.76
CA VAL C 150 -11.80 -17.25 3.93
C VAL C 150 -13.29 -17.53 3.73
N THR C 151 -13.74 -18.63 4.33
CA THR C 151 -15.14 -19.03 4.29
C THR C 151 -15.87 -18.41 5.47
N MET C 152 -17.21 -18.45 5.42
CA MET C 152 -18.05 -17.90 6.49
C MET C 152 -17.82 -18.59 7.84
N ALA C 153 -17.49 -19.88 7.79
CA ALA C 153 -17.20 -20.65 9.00
C ALA C 153 -15.93 -20.15 9.69
N GLU C 154 -14.94 -19.76 8.90
CA GLU C 154 -13.69 -19.20 9.41
C GLU C 154 -13.91 -17.85 10.09
N THR C 155 -14.68 -16.98 9.43
CA THR C 155 -14.92 -15.62 9.89
C THR C 155 -15.65 -15.56 11.24
N ALA C 156 -16.51 -16.54 11.50
CA ALA C 156 -17.27 -16.61 12.75
C ALA C 156 -16.39 -16.84 13.96
N GLN C 157 -15.20 -17.42 13.74
CA GLN C 157 -14.24 -17.69 14.81
C GLN C 157 -13.28 -16.53 15.02
N MET C 158 -13.16 -15.66 14.02
CA MET C 158 -12.17 -14.59 14.04
C MET C 158 -12.61 -13.40 14.89
N THR C 159 -11.63 -12.73 15.51
CA THR C 159 -11.87 -11.50 16.24
C THR C 159 -11.74 -10.31 15.30
N ARG C 160 -12.04 -9.12 15.81
CA ARG C 160 -12.04 -7.89 15.01
C ARG C 160 -10.67 -7.59 14.40
N ASP C 161 -9.61 -7.86 15.16
CA ASP C 161 -8.24 -7.65 14.68
C ASP C 161 -7.87 -8.62 13.57
N GLU C 162 -8.25 -9.88 13.73
CA GLU C 162 -8.06 -10.89 12.69
C GLU C 162 -8.79 -10.50 11.41
N LEU C 163 -10.07 -10.14 11.56
CA LEU C 163 -10.91 -9.72 10.44
C LEU C 163 -10.31 -8.56 9.67
N GLU C 164 -9.86 -7.52 10.38
CA GLU C 164 -9.22 -6.36 9.76
C GLU C 164 -7.95 -6.75 9.00
N ASP C 165 -7.14 -7.60 9.63
CA ASP C 165 -5.90 -8.08 9.02
C ASP C 165 -6.17 -8.90 7.76
N VAL C 166 -7.13 -9.83 7.84
CA VAL C 166 -7.50 -10.69 6.71
C VAL C 166 -8.01 -9.85 5.53
N LEU C 167 -8.86 -8.87 5.84
CA LEU C 167 -9.46 -8.01 4.83
C LEU C 167 -8.44 -7.09 4.16
N ASN C 168 -7.51 -6.56 4.94
CA ASN C 168 -6.39 -5.79 4.41
C ASN C 168 -5.52 -6.64 3.48
N THR C 169 -5.37 -7.91 3.84
CA THR C 169 -4.57 -8.86 3.06
C THR C 169 -5.27 -9.23 1.76
N GLN C 170 -6.56 -9.55 1.85
CA GLN C 170 -7.36 -9.95 0.70
C GLN C 170 -7.58 -8.80 -0.28
N SER C 171 -7.61 -7.57 0.24
CA SER C 171 -7.67 -6.37 -0.58
C SER C 171 -6.39 -6.22 -1.39
N GLU C 172 -5.25 -6.38 -0.71
CA GLU C 172 -3.93 -6.37 -1.35
C GLU C 172 -3.86 -7.44 -2.44
N ILE C 173 -4.48 -8.58 -2.19
CA ILE C 173 -4.57 -9.67 -3.18
C ILE C 173 -5.48 -9.29 -4.35
N GLU C 174 -6.64 -8.69 -4.04
CA GLU C 174 -7.58 -8.25 -5.08
C GLU C 174 -7.00 -7.21 -6.04
N ILE C 175 -6.22 -6.27 -5.51
CA ILE C 175 -5.58 -5.24 -6.33
C ILE C 175 -4.75 -5.87 -7.45
N GLN C 176 -3.92 -6.84 -7.09
CA GLN C 176 -3.08 -7.55 -8.05
C GLN C 176 -3.89 -8.43 -9.00
N MET C 177 -4.97 -9.01 -8.49
CA MET C 177 -5.88 -9.82 -9.29
C MET C 177 -6.55 -9.00 -10.40
N ILE C 178 -6.97 -7.79 -10.05
CA ILE C 178 -7.59 -6.86 -11.01
C ILE C 178 -6.61 -6.45 -12.10
N ASN C 179 -5.39 -6.12 -11.70
CA ASN C 179 -4.32 -5.75 -12.65
C ASN C 179 -3.96 -6.89 -13.60
N LEU C 180 -4.00 -8.11 -13.08
CA LEU C 180 -3.74 -9.31 -13.87
C LEU C 180 -4.91 -9.60 -14.82
N LEU C 181 -6.12 -9.25 -14.39
CA LEU C 181 -7.33 -9.47 -15.18
C LEU C 181 -7.40 -8.63 -16.46
N GLU C 182 -7.03 -7.36 -16.37
CA GLU C 182 -7.01 -6.49 -17.54
C GLU C 182 -5.78 -6.74 -18.41
N LEU C 183 -4.71 -7.22 -17.79
CA LEU C 183 -3.54 -7.69 -18.53
C LEU C 183 -3.88 -8.96 -19.31
N TYR C 184 -4.96 -9.62 -18.91
CA TYR C 184 -5.50 -10.77 -19.62
C TYR C 184 -6.52 -10.37 -20.69
N GLU C 185 -7.20 -9.25 -20.47
CA GLU C 185 -8.19 -8.75 -21.42
C GLU C 185 -7.53 -8.13 -22.65
N VAL C 186 -6.37 -7.51 -22.45
CA VAL C 186 -5.61 -6.91 -23.54
C VAL C 186 -4.91 -7.99 -24.38
N GLU C 187 -4.22 -8.92 -23.71
CA GLU C 187 -3.61 -10.08 -24.36
C GLU C 187 -4.63 -10.83 -25.23
N THR C 188 -5.83 -11.02 -24.68
CA THR C 188 -6.94 -11.62 -25.41
C THR C 188 -7.29 -10.79 -26.64
N ARG C 189 -7.52 -9.49 -26.46
CA ARG C 189 -7.82 -8.58 -27.57
C ARG C 189 -6.70 -8.50 -28.60
N ALA C 190 -5.45 -8.59 -28.14
CA ALA C 190 -4.28 -8.55 -29.01
C ALA C 190 -4.24 -9.76 -29.96
N LEU C 191 -4.63 -10.92 -29.44
CA LEU C 191 -4.64 -12.16 -30.21
C LEU C 191 -5.97 -12.37 -30.94
N ARG C 192 -7.04 -11.71 -30.46
CA ARG C 192 -8.36 -11.75 -31.11
C ARG C 192 -8.30 -11.32 -32.58
N ARG C 193 -7.26 -10.57 -32.94
CA ARG C 193 -7.01 -10.18 -34.32
C ARG C 193 -5.95 -11.08 -34.96
N GLN C 194 -6.42 -12.00 -35.82
CA GLN C 194 -5.56 -12.94 -36.55
C GLN C 194 -4.55 -13.69 -35.66
N VAL D 27 -33.80 7.13 12.62
CA VAL D 27 -33.54 7.50 11.20
C VAL D 27 -32.46 8.59 11.12
N GLU D 28 -31.49 8.41 10.23
CA GLU D 28 -30.36 9.33 10.09
C GLU D 28 -30.60 10.39 9.02
N GLU D 29 -30.98 11.59 9.46
CA GLU D 29 -31.30 12.70 8.56
C GLU D 29 -30.35 13.87 8.78
N TYR D 30 -29.77 14.38 7.70
CA TYR D 30 -28.91 15.56 7.75
C TYR D 30 -29.53 16.68 6.93
N GLU D 31 -28.96 17.87 7.02
CA GLU D 31 -29.42 19.04 6.26
C GLU D 31 -29.22 18.87 4.76
N LEU D 32 -30.07 19.54 3.98
CA LEU D 32 -29.96 19.54 2.52
C LEU D 32 -29.98 20.97 1.98
N ASP D 33 -28.91 21.34 1.29
CA ASP D 33 -28.84 22.61 0.57
C ASP D 33 -29.36 22.39 -0.83
N VAL D 34 -30.57 22.85 -1.09
CA VAL D 34 -31.26 22.63 -2.36
C VAL D 34 -30.56 23.37 -3.50
N GLU D 35 -30.28 24.65 -3.29
CA GLU D 35 -29.59 25.48 -4.27
C GLU D 35 -28.32 24.80 -4.76
N ALA D 36 -27.54 24.28 -3.81
CA ALA D 36 -26.29 23.56 -4.11
C ALA D 36 -26.54 22.33 -4.98
N LEU D 37 -27.62 21.60 -4.71
CA LEU D 37 -27.98 20.40 -5.47
C LEU D 37 -28.35 20.73 -6.92
N VAL D 38 -29.05 21.85 -7.11
CA VAL D 38 -29.43 22.33 -8.44
C VAL D 38 -28.18 22.64 -9.28
N VAL D 39 -27.25 23.40 -8.69
CA VAL D 39 -26.00 23.76 -9.35
C VAL D 39 -25.24 22.49 -9.80
N ILE D 40 -25.21 21.49 -8.92
CA ILE D 40 -24.61 20.18 -9.22
C ILE D 40 -25.27 19.51 -10.43
N LEU D 41 -26.61 19.47 -10.43
CA LEU D 41 -27.36 18.80 -11.49
C LEU D 41 -27.22 19.47 -12.86
N ARG D 42 -27.21 20.80 -12.87
CA ARG D 42 -27.03 21.56 -14.12
C ARG D 42 -25.60 21.48 -14.66
N ASP D 43 -24.64 21.30 -13.76
CA ASP D 43 -23.25 21.09 -14.14
C ASP D 43 -23.08 19.76 -14.85
N ARG D 44 -23.94 18.81 -14.53
CA ARG D 44 -23.92 17.47 -15.13
C ARG D 44 -24.86 17.37 -16.34
N ASN D 45 -25.43 18.51 -16.74
CA ASN D 45 -26.42 18.57 -17.82
C ASN D 45 -27.64 17.66 -17.59
N ILE D 46 -28.10 17.60 -16.34
CA ILE D 46 -29.29 16.82 -15.98
C ILE D 46 -30.52 17.74 -15.96
N PRO D 47 -31.44 17.54 -16.92
CA PRO D 47 -32.56 18.45 -17.15
C PRO D 47 -33.71 18.34 -16.13
N ARG D 48 -33.74 17.26 -15.36
CA ARG D 48 -34.86 16.99 -14.45
C ARG D 48 -34.57 17.36 -13.00
N ASN D 49 -35.51 18.04 -12.38
CA ASN D 49 -35.46 18.35 -10.95
C ASN D 49 -36.17 17.28 -10.14
N PRO D 50 -35.44 16.61 -9.22
CA PRO D 50 -35.98 15.52 -8.39
C PRO D 50 -37.12 15.96 -7.46
N LEU D 51 -37.95 14.99 -7.08
CA LEU D 51 -39.11 15.23 -6.23
C LEU D 51 -38.85 15.00 -4.75
N HIS D 52 -39.83 15.35 -3.92
CA HIS D 52 -39.84 15.01 -2.51
C HIS D 52 -40.20 13.56 -2.34
N GLY D 53 -39.43 12.85 -1.53
CA GLY D 53 -39.63 11.42 -1.33
C GLY D 53 -39.03 10.58 -2.43
N GLU D 54 -38.12 11.16 -3.19
CA GLU D 54 -37.50 10.50 -4.33
C GLU D 54 -36.10 10.03 -3.99
N VAL D 55 -35.75 8.84 -4.47
CA VAL D 55 -34.50 8.18 -4.09
C VAL D 55 -33.39 8.46 -5.12
N ILE D 56 -32.27 8.99 -4.63
CA ILE D 56 -31.13 9.35 -5.47
C ILE D 56 -29.92 8.45 -5.18
N GLY D 57 -29.36 7.87 -6.23
CA GLY D 57 -28.13 7.08 -6.13
C GLY D 57 -26.90 7.95 -6.30
N LEU D 58 -26.05 7.95 -5.29
CA LEU D 58 -24.84 8.77 -5.33
C LEU D 58 -23.61 7.91 -5.60
N ARG D 59 -22.89 8.26 -6.66
CA ARG D 59 -21.59 7.65 -6.95
C ARG D 59 -20.47 8.63 -6.58
N LEU D 60 -19.67 8.25 -5.60
CA LEU D 60 -18.60 9.09 -5.10
C LEU D 60 -17.27 8.62 -5.68
N THR D 61 -16.74 9.42 -6.61
CA THR D 61 -15.51 9.08 -7.33
C THR D 61 -14.27 9.10 -6.46
N GLU D 62 -14.32 9.89 -5.39
CA GLU D 62 -13.20 10.00 -4.44
C GLU D 62 -13.65 10.60 -3.09
N GLY D 63 -12.89 10.29 -2.04
CA GLY D 63 -13.16 10.83 -0.70
C GLY D 63 -11.98 10.65 0.23
N TRP D 64 -12.26 10.49 1.53
CA TRP D 64 -11.23 10.26 2.55
C TRP D 64 -10.64 8.87 2.47
N TRP D 65 -11.30 8.00 1.70
CA TRP D 65 -10.86 6.62 1.53
C TRP D 65 -9.84 6.44 0.44
N GLY D 66 -9.84 7.35 -0.53
CA GLY D 66 -8.96 7.26 -1.69
C GLY D 66 -9.63 7.70 -2.98
N GLN D 67 -9.00 7.37 -4.10
CA GLN D 67 -9.49 7.78 -5.42
C GLN D 67 -10.17 6.62 -6.15
N ILE D 68 -10.88 5.82 -5.38
CA ILE D 68 -11.66 4.70 -5.89
C ILE D 68 -13.14 5.00 -5.67
N GLU D 69 -14.00 4.46 -6.52
CA GLU D 69 -15.42 4.81 -6.45
C GLU D 69 -16.22 4.06 -5.38
N ARG D 70 -17.04 4.82 -4.66
CA ARG D 70 -17.90 4.28 -3.61
C ARG D 70 -19.33 4.77 -3.81
N PHE D 71 -20.29 4.04 -3.25
CA PHE D 71 -21.71 4.33 -3.49
C PHE D 71 -22.48 4.59 -2.21
N GLN D 72 -23.44 5.52 -2.29
CA GLN D 72 -24.32 5.86 -1.19
C GLN D 72 -25.70 6.11 -1.77
N MET D 73 -26.74 5.84 -0.99
CA MET D 73 -28.13 6.04 -1.42
C MET D 73 -28.87 6.96 -0.47
N VAL D 74 -29.52 7.99 -1.03
CA VAL D 74 -30.25 8.99 -0.25
C VAL D 74 -31.68 9.21 -0.73
N ARG D 75 -32.54 9.67 0.17
CA ARG D 75 -33.90 10.12 -0.18
C ARG D 75 -34.09 11.57 0.26
N LEU D 76 -34.69 12.37 -0.60
CA LEU D 76 -34.87 13.80 -0.36
C LEU D 76 -36.11 14.11 0.47
N ILE D 77 -35.96 15.03 1.42
CA ILE D 77 -37.07 15.51 2.24
C ILE D 77 -37.17 17.03 2.13
N LEU D 78 -38.17 17.49 1.39
CA LEU D 78 -38.38 18.92 1.14
C LEU D 78 -39.56 19.48 1.93
N GLN D 79 -40.45 18.59 2.38
CA GLN D 79 -41.65 18.99 3.12
C GLN D 79 -42.03 17.96 4.20
N ASN D 80 -43.01 18.30 5.04
CA ASN D 80 -43.41 17.43 6.15
C ASN D 80 -44.58 16.49 5.80
N ASP D 81 -45.12 15.82 6.81
CA ASP D 81 -46.24 14.88 6.64
C ASP D 81 -47.55 15.56 6.23
N ASP D 82 -47.56 16.90 6.25
CA ASP D 82 -48.70 17.69 5.78
C ASP D 82 -48.38 18.31 4.43
N ASN D 83 -47.21 17.97 3.90
CA ASN D 83 -46.66 18.51 2.64
C ASN D 83 -46.50 20.03 2.60
N GLU D 84 -46.20 20.62 3.76
CA GLU D 84 -45.83 22.02 3.84
C GLU D 84 -44.31 22.11 3.74
N PRO D 85 -43.81 22.97 2.83
CA PRO D 85 -42.37 23.08 2.55
C PRO D 85 -41.54 23.32 3.79
N LEU D 86 -40.41 22.62 3.90
CA LEU D 86 -39.47 22.82 5.00
C LEU D 86 -38.52 23.96 4.67
N GLN D 87 -38.36 24.87 5.63
CA GLN D 87 -37.46 26.02 5.48
C GLN D 87 -36.00 25.57 5.51
N ARG D 88 -35.76 24.45 6.18
CA ARG D 88 -34.46 23.76 6.13
C ARG D 88 -34.68 22.29 5.73
N PRO D 89 -34.59 22.00 4.42
CA PRO D 89 -34.82 20.65 3.90
C PRO D 89 -33.81 19.64 4.41
N ARG D 90 -34.20 18.37 4.42
CA ARG D 90 -33.35 17.29 4.90
C ARG D 90 -33.17 16.20 3.84
N TYR D 91 -32.24 15.29 4.11
CA TYR D 91 -32.10 14.07 3.32
C TYR D 91 -31.80 12.90 4.25
N GLU D 92 -32.47 11.78 4.02
CA GLU D 92 -32.25 10.58 4.84
C GLU D 92 -31.38 9.57 4.10
N VAL D 93 -30.58 8.83 4.86
CA VAL D 93 -29.74 7.77 4.31
C VAL D 93 -30.57 6.49 4.25
N ILE D 94 -30.71 5.93 3.06
CA ILE D 94 -31.42 4.67 2.88
C ILE D 94 -30.43 3.51 2.83
N GLN D 95 -30.69 2.51 3.67
CA GLN D 95 -29.84 1.33 3.76
C GLN D 95 -30.25 0.29 2.72
N ARG D 96 -29.68 0.42 1.53
CA ARG D 96 -29.96 -0.44 0.38
C ARG D 96 -28.93 -0.11 -0.71
N ALA D 97 -28.48 -1.13 -1.42
CA ALA D 97 -27.44 -0.95 -2.45
C ALA D 97 -27.98 -0.22 -3.66
N VAL D 98 -27.14 0.64 -4.22
CA VAL D 98 -27.48 1.42 -5.41
C VAL D 98 -27.44 0.54 -6.66
N ASN D 99 -28.49 0.66 -7.48
CA ASN D 99 -28.48 0.11 -8.83
C ASN D 99 -28.48 1.25 -9.84
N PRO D 100 -27.30 1.54 -10.44
CA PRO D 100 -27.13 2.70 -11.33
C PRO D 100 -27.98 2.65 -12.59
N HIS D 101 -28.31 1.43 -13.04
CA HIS D 101 -29.09 1.24 -14.27
C HIS D 101 -30.53 1.65 -14.12
N THR D 102 -31.06 1.55 -12.90
CA THR D 102 -32.48 1.76 -12.65
C THR D 102 -32.81 3.02 -11.85
N MET D 103 -31.80 3.66 -11.28
CA MET D 103 -32.01 4.79 -10.37
C MET D 103 -31.55 6.15 -10.90
N PHE D 104 -31.89 7.19 -10.15
CA PHE D 104 -31.47 8.56 -10.44
C PHE D 104 -30.06 8.76 -9.91
N MET D 105 -29.13 9.09 -10.81
CA MET D 105 -27.70 9.05 -10.49
C MET D 105 -26.98 10.39 -10.53
N ILE D 106 -26.15 10.63 -9.51
CA ILE D 106 -25.23 11.77 -9.48
C ILE D 106 -23.81 11.27 -9.22
N SER D 107 -22.90 11.57 -10.14
CA SER D 107 -21.50 11.17 -10.02
C SER D 107 -20.60 12.37 -9.71
N GLY D 108 -19.58 12.14 -8.90
CA GLY D 108 -18.63 13.20 -8.52
C GLY D 108 -17.94 12.97 -7.17
N PRO D 109 -16.96 13.82 -6.83
CA PRO D 109 -16.22 13.69 -5.57
C PRO D 109 -17.07 14.05 -4.35
N LEU D 110 -16.68 13.54 -3.20
CA LEU D 110 -17.40 13.82 -1.95
C LEU D 110 -17.34 15.31 -1.58
N ALA D 111 -16.18 15.92 -1.80
CA ALA D 111 -15.97 17.34 -1.49
C ALA D 111 -17.03 18.25 -2.13
N GLU D 112 -17.37 17.98 -3.38
CA GLU D 112 -18.40 18.75 -4.08
C GLU D 112 -19.81 18.35 -3.64
N LEU D 113 -20.03 17.04 -3.47
CA LEU D 113 -21.34 16.52 -3.10
C LEU D 113 -21.75 16.83 -1.67
N GLN D 114 -20.78 17.16 -0.82
CA GLN D 114 -21.04 17.54 0.57
C GLN D 114 -21.61 18.95 0.69
N LEU D 115 -21.56 19.71 -0.40
CA LEU D 115 -22.13 21.06 -0.46
C LEU D 115 -23.66 21.01 -0.48
N ALA D 116 -24.19 19.98 -1.14
CA ALA D 116 -25.63 19.75 -1.19
C ALA D 116 -26.07 18.79 -0.09
N PHE D 117 -25.27 17.74 0.11
CA PHE D 117 -25.57 16.74 1.13
C PHE D 117 -24.64 16.92 2.33
N GLN D 118 -25.15 17.58 3.37
CA GLN D 118 -24.37 17.88 4.57
C GLN D 118 -23.99 16.61 5.32
N ASP D 119 -22.76 16.57 5.84
CA ASP D 119 -22.24 15.44 6.61
C ASP D 119 -22.31 14.10 5.87
N LEU D 120 -22.24 14.15 4.55
CA LEU D 120 -22.35 12.95 3.71
C LEU D 120 -21.16 12.03 3.90
N ASP D 121 -21.44 10.77 4.22
CA ASP D 121 -20.40 9.76 4.41
C ASP D 121 -20.79 8.42 3.76
N LEU D 122 -19.92 7.42 3.92
CA LEU D 122 -20.15 6.08 3.36
C LEU D 122 -21.20 5.29 4.16
N PRO D 123 -21.81 4.27 3.54
CA PRO D 123 -22.79 3.41 4.21
C PRO D 123 -22.17 2.30 5.04
N GLU D 124 -22.96 1.70 5.93
CA GLU D 124 -22.51 0.60 6.78
C GLU D 124 -22.14 -0.63 5.96
N GLY D 125 -20.87 -1.04 6.09
CA GLY D 125 -20.39 -2.28 5.49
C GLY D 125 -20.35 -2.30 3.99
N PRO D 126 -20.65 -3.47 3.38
CA PRO D 126 -20.49 -3.70 1.94
C PRO D 126 -21.50 -2.93 1.08
N LEU D 127 -22.49 -2.31 1.71
CA LEU D 127 -23.46 -1.45 1.02
C LEU D 127 -22.81 -0.34 0.21
N ARG D 128 -21.55 -0.04 0.56
CA ARG D 128 -20.77 0.98 -0.13
C ARG D 128 -20.37 0.59 -1.55
N PHE D 129 -20.37 -0.72 -1.84
CA PHE D 129 -19.92 -1.23 -3.13
C PHE D 129 -20.89 -1.02 -4.30
N GLY D 130 -22.14 -0.68 -3.99
CA GLY D 130 -23.14 -0.39 -5.01
C GLY D 130 -23.64 -1.63 -5.74
N PRO D 131 -23.34 -1.73 -7.05
CA PRO D 131 -23.73 -2.90 -7.86
C PRO D 131 -23.06 -4.20 -7.39
N LEU D 132 -21.95 -4.07 -6.66
CA LEU D 132 -21.20 -5.24 -6.20
C LEU D 132 -21.33 -5.47 -4.69
N ALA D 133 -22.35 -4.85 -4.08
CA ALA D 133 -22.60 -4.97 -2.64
C ALA D 133 -23.00 -6.38 -2.23
N ASN D 134 -23.53 -7.13 -3.20
CA ASN D 134 -23.93 -8.52 -2.98
C ASN D 134 -22.99 -9.52 -3.65
N GLY D 135 -21.81 -9.04 -4.05
CA GLY D 135 -20.77 -9.88 -4.61
C GLY D 135 -20.92 -10.31 -6.06
N HIS D 136 -21.90 -9.74 -6.77
CA HIS D 136 -22.14 -10.07 -8.17
C HIS D 136 -21.10 -9.45 -9.07
N TYR D 137 -20.08 -10.22 -9.42
CA TYR D 137 -19.03 -9.76 -10.31
C TYR D 137 -19.24 -10.36 -11.70
N VAL D 138 -19.48 -9.51 -12.68
CA VAL D 138 -19.77 -9.96 -14.04
C VAL D 138 -18.71 -9.46 -15.02
N GLN D 139 -18.24 -10.37 -15.88
CA GLN D 139 -17.29 -10.05 -16.94
C GLN D 139 -17.89 -9.04 -17.91
N GLY D 140 -17.15 -7.97 -18.18
CA GLY D 140 -17.57 -6.95 -19.15
C GLY D 140 -18.31 -5.77 -18.55
N ASP D 141 -19.13 -6.03 -17.53
CA ASP D 141 -19.87 -4.97 -16.85
C ASP D 141 -18.91 -3.91 -16.29
N PRO D 142 -19.06 -2.65 -16.76
CA PRO D 142 -18.18 -1.54 -16.39
C PRO D 142 -18.04 -1.30 -14.88
N TYR D 143 -19.09 -1.60 -14.12
CA TYR D 143 -19.04 -1.41 -12.66
C TYR D 143 -18.24 -2.50 -11.96
N SER D 144 -18.01 -3.62 -12.64
CA SER D 144 -17.10 -4.65 -12.14
C SER D 144 -15.65 -4.21 -12.29
N SER D 145 -15.31 -3.66 -13.46
CA SER D 145 -13.97 -3.16 -13.73
C SER D 145 -13.64 -1.94 -12.86
N SER D 146 -14.67 -1.17 -12.54
CA SER D 146 -14.53 0.02 -11.69
C SER D 146 -14.36 -0.33 -10.21
N TYR D 147 -14.71 -1.56 -9.85
CA TYR D 147 -14.65 -1.99 -8.45
C TYR D 147 -13.23 -2.11 -7.89
N ARG D 148 -13.02 -1.50 -6.74
CA ARG D 148 -11.79 -1.64 -5.96
C ARG D 148 -12.14 -2.03 -4.53
N PRO D 149 -11.34 -2.93 -3.92
CA PRO D 149 -11.60 -3.38 -2.55
C PRO D 149 -11.45 -2.27 -1.51
N VAL D 150 -11.68 -2.60 -0.24
CA VAL D 150 -11.58 -1.61 0.83
C VAL D 150 -10.14 -1.19 1.10
N THR D 151 -9.95 0.08 1.40
CA THR D 151 -8.65 0.61 1.77
C THR D 151 -8.45 0.42 3.27
N MET D 152 -7.23 0.61 3.74
CA MET D 152 -6.93 0.46 5.17
C MET D 152 -7.59 1.54 6.01
N ALA D 153 -7.80 2.71 5.41
CA ALA D 153 -8.50 3.82 6.05
C ALA D 153 -9.99 3.50 6.26
N GLU D 154 -10.52 2.62 5.42
CA GLU D 154 -11.91 2.16 5.56
C GLU D 154 -12.04 1.11 6.66
N THR D 155 -11.12 0.16 6.69
CA THR D 155 -11.14 -0.96 7.64
C THR D 155 -10.93 -0.54 9.09
N ALA D 156 -10.24 0.59 9.29
CA ALA D 156 -9.97 1.10 10.62
C ALA D 156 -11.24 1.58 11.32
N GLN D 157 -12.21 2.03 10.53
CA GLN D 157 -13.47 2.59 11.05
C GLN D 157 -14.47 1.51 11.46
N MET D 158 -14.43 0.38 10.77
CA MET D 158 -15.49 -0.64 10.82
C MET D 158 -15.61 -1.40 12.13
N THR D 159 -16.83 -1.79 12.47
CA THR D 159 -17.10 -2.70 13.58
C THR D 159 -16.88 -4.15 13.13
N ARG D 160 -17.02 -5.09 14.07
CA ARG D 160 -16.82 -6.51 13.80
C ARG D 160 -17.76 -7.03 12.70
N ASP D 161 -19.03 -6.65 12.81
CA ASP D 161 -20.05 -7.06 11.84
C ASP D 161 -19.82 -6.47 10.45
N GLU D 162 -19.38 -5.21 10.41
CA GLU D 162 -19.06 -4.54 9.16
C GLU D 162 -17.91 -5.25 8.43
N LEU D 163 -16.88 -5.61 9.19
CA LEU D 163 -15.73 -6.31 8.63
C LEU D 163 -16.10 -7.68 8.05
N GLU D 164 -16.84 -8.48 8.81
CA GLU D 164 -17.25 -9.82 8.39
C GLU D 164 -18.11 -9.77 7.11
N ASP D 165 -19.06 -8.84 7.07
CA ASP D 165 -19.94 -8.65 5.90
C ASP D 165 -19.15 -8.22 4.67
N VAL D 166 -18.26 -7.25 4.83
CA VAL D 166 -17.40 -6.79 3.74
C VAL D 166 -16.47 -7.91 3.29
N LEU D 167 -15.89 -8.61 4.26
CA LEU D 167 -15.04 -9.75 3.99
C LEU D 167 -15.78 -10.85 3.21
N ASN D 168 -17.03 -11.10 3.60
CA ASN D 168 -17.90 -12.06 2.90
C ASN D 168 -18.09 -11.68 1.44
N THR D 169 -18.47 -10.41 1.21
CA THR D 169 -18.74 -9.91 -0.13
C THR D 169 -17.50 -9.94 -1.00
N GLN D 170 -16.37 -9.50 -0.44
CA GLN D 170 -15.10 -9.50 -1.17
C GLN D 170 -14.62 -10.91 -1.52
N SER D 171 -14.83 -11.85 -0.59
CA SER D 171 -14.49 -13.25 -0.81
C SER D 171 -15.26 -13.85 -1.99
N GLU D 172 -16.54 -13.49 -2.10
CA GLU D 172 -17.36 -13.91 -3.24
C GLU D 172 -16.86 -13.27 -4.54
N ILE D 173 -16.55 -11.98 -4.48
CA ILE D 173 -15.97 -11.27 -5.62
C ILE D 173 -14.65 -11.92 -6.04
N GLU D 174 -13.89 -12.40 -5.06
CA GLU D 174 -12.63 -13.11 -5.33
C GLU D 174 -12.83 -14.46 -6.01
N ILE D 175 -13.84 -15.21 -5.54
CA ILE D 175 -14.18 -16.51 -6.14
C ILE D 175 -14.49 -16.35 -7.64
N GLN D 176 -15.35 -15.37 -7.95
CA GLN D 176 -15.70 -15.08 -9.34
C GLN D 176 -14.49 -14.60 -10.14
N MET D 177 -13.63 -13.81 -9.51
CA MET D 177 -12.38 -13.34 -10.11
C MET D 177 -11.42 -14.50 -10.39
N ILE D 178 -11.41 -15.48 -9.50
CA ILE D 178 -10.60 -16.68 -9.68
C ILE D 178 -11.13 -17.52 -10.84
N ASN D 179 -12.46 -17.65 -10.93
CA ASN D 179 -13.12 -18.31 -12.05
C ASN D 179 -12.78 -17.65 -13.38
N LEU D 180 -12.77 -16.32 -13.38
CA LEU D 180 -12.49 -15.53 -14.57
C LEU D 180 -11.02 -15.56 -14.97
N LEU D 181 -10.14 -15.67 -13.98
CA LEU D 181 -8.70 -15.81 -14.23
C LEU D 181 -8.39 -17.16 -14.88
N GLU D 182 -9.09 -18.20 -14.44
CA GLU D 182 -9.00 -19.53 -15.03
C GLU D 182 -9.58 -19.51 -16.44
N LEU D 183 -10.66 -18.75 -16.61
CA LEU D 183 -11.31 -18.56 -17.91
C LEU D 183 -10.36 -17.92 -18.92
N TYR D 184 -9.71 -16.83 -18.51
CA TYR D 184 -8.76 -16.13 -19.38
C TYR D 184 -7.50 -16.95 -19.69
N GLU D 185 -7.14 -17.86 -18.77
CA GLU D 185 -6.02 -18.76 -18.99
C GLU D 185 -6.35 -19.83 -20.04
N VAL D 186 -7.60 -20.27 -20.05
CA VAL D 186 -8.07 -21.26 -21.03
C VAL D 186 -8.06 -20.67 -22.44
N GLU D 187 -8.65 -19.47 -22.58
CA GLU D 187 -8.70 -18.79 -23.87
C GLU D 187 -7.33 -18.34 -24.36
N THR D 188 -6.43 -18.02 -23.43
CA THR D 188 -5.05 -17.65 -23.77
C THR D 188 -4.30 -18.85 -24.35
N ARG D 189 -4.35 -19.99 -23.64
CA ARG D 189 -3.70 -21.22 -24.08
C ARG D 189 -4.26 -21.74 -25.40
N ALA D 190 -5.55 -21.51 -25.63
CA ALA D 190 -6.24 -21.97 -26.84
C ALA D 190 -5.90 -21.13 -28.07
N LEU D 191 -5.92 -19.81 -27.91
CA LEU D 191 -5.62 -18.89 -29.02
C LEU D 191 -4.14 -18.87 -29.36
N ARG D 192 -3.28 -18.86 -28.33
CA ARG D 192 -1.82 -18.80 -28.52
C ARG D 192 -1.25 -20.05 -29.20
N ARG D 193 -1.68 -21.22 -28.73
CA ARG D 193 -1.21 -22.49 -29.29
C ARG D 193 -2.13 -22.97 -30.40
N MET E 1 47.31 -7.66 28.65
CA MET E 1 45.96 -8.08 28.18
C MET E 1 46.04 -9.31 27.28
N ALA E 2 45.00 -10.14 27.31
CA ALA E 2 44.88 -11.29 26.43
C ALA E 2 44.51 -10.82 25.02
N PRO E 3 44.78 -11.65 24.00
CA PRO E 3 44.37 -11.32 22.63
C PRO E 3 42.85 -11.35 22.43
N PRO E 4 42.35 -10.62 21.40
CA PRO E 4 40.93 -10.68 21.04
C PRO E 4 40.46 -12.09 20.66
N MET E 5 39.21 -12.40 21.01
CA MET E 5 38.67 -13.75 20.86
C MET E 5 37.83 -13.93 19.61
N THR E 6 37.85 -15.17 19.08
CA THR E 6 36.88 -15.60 18.08
C THR E 6 35.67 -16.16 18.80
N LEU E 7 34.60 -16.43 18.06
CA LEU E 7 33.36 -16.96 18.63
C LEU E 7 33.58 -18.29 19.34
N GLN E 8 34.16 -19.26 18.64
CA GLN E 8 34.43 -20.58 19.19
C GLN E 8 35.26 -20.53 20.46
N GLN E 9 36.28 -19.68 20.47
CA GLN E 9 37.13 -19.48 21.65
C GLN E 9 36.30 -19.12 22.88
N TRP E 10 35.28 -18.30 22.68
CA TRP E 10 34.37 -17.93 23.76
C TRP E 10 33.49 -19.08 24.19
N ILE E 11 32.98 -19.83 23.21
CA ILE E 11 32.12 -20.99 23.49
C ILE E 11 32.89 -22.04 24.29
N ILE E 12 34.11 -22.33 23.84
CA ILE E 12 35.01 -23.23 24.55
C ILE E 12 35.26 -22.74 25.99
N TRP E 13 35.43 -21.42 26.14
CA TRP E 13 35.60 -20.81 27.45
C TRP E 13 34.39 -20.96 28.33
N LYS E 14 33.21 -20.80 27.75
CA LYS E 14 31.95 -20.93 28.49
C LYS E 14 31.69 -22.38 28.92
N LYS E 15 32.16 -23.31 28.10
CA LYS E 15 32.03 -24.74 28.38
C LYS E 15 32.88 -25.17 29.60
N MET E 16 33.83 -24.33 30.00
CA MET E 16 34.68 -24.59 31.16
C MET E 16 33.91 -24.38 32.46
N ASN E 17 33.38 -23.17 32.64
CA ASN E 17 32.64 -22.83 33.86
C ASN E 17 31.16 -22.56 33.58
N ALA F 2 -50.08 20.07 -1.56
CA ALA F 2 -50.34 18.62 -1.29
C ALA F 2 -49.42 17.68 -2.08
N PRO F 3 -49.25 17.91 -3.40
CA PRO F 3 -48.31 17.05 -4.14
C PRO F 3 -46.84 17.34 -3.80
N PRO F 4 -45.96 16.33 -3.95
CA PRO F 4 -44.53 16.55 -3.74
C PRO F 4 -43.97 17.60 -4.68
N MET F 5 -43.16 18.50 -4.13
CA MET F 5 -42.55 19.58 -4.92
C MET F 5 -41.28 19.11 -5.58
N THR F 6 -40.92 19.76 -6.69
CA THR F 6 -39.58 19.65 -7.24
C THR F 6 -38.71 20.61 -6.43
N LEU F 7 -37.40 20.43 -6.49
CA LEU F 7 -36.48 21.32 -5.78
C LEU F 7 -36.43 22.72 -6.39
N GLN F 8 -36.82 22.84 -7.66
CA GLN F 8 -36.97 24.13 -8.32
C GLN F 8 -38.20 24.88 -7.80
N GLN F 9 -39.26 24.13 -7.48
CA GLN F 9 -40.47 24.68 -6.88
C GLN F 9 -40.23 25.19 -5.47
N TRP F 10 -39.45 24.42 -4.71
CA TRP F 10 -39.07 24.80 -3.33
C TRP F 10 -38.31 26.09 -3.29
N ILE F 11 -37.35 26.26 -4.21
CA ILE F 11 -36.54 27.47 -4.31
C ILE F 11 -37.41 28.71 -4.53
N ILE F 12 -38.41 28.58 -5.39
CA ILE F 12 -39.37 29.65 -5.66
C ILE F 12 -40.13 30.01 -4.38
N TRP F 13 -40.56 28.98 -3.64
CA TRP F 13 -41.29 29.16 -2.39
C TRP F 13 -40.52 29.92 -1.33
N LYS F 14 -39.21 29.68 -1.28
CA LYS F 14 -38.32 30.25 -0.25
C LYS F 14 -38.43 31.78 -0.08
N LYS F 15 -38.72 32.48 -1.17
CA LYS F 15 -38.88 33.94 -1.13
C LYS F 15 -40.32 34.35 -0.83
N PRO G 3 -26.63 36.58 -6.60
CA PRO G 3 -26.05 37.01 -7.87
C PRO G 3 -24.52 37.00 -7.85
N PRO G 4 -23.89 35.92 -8.38
CA PRO G 4 -22.44 35.82 -8.42
C PRO G 4 -21.84 36.72 -9.49
N MET G 5 -20.79 37.44 -9.14
CA MET G 5 -20.13 38.36 -10.07
C MET G 5 -18.93 37.74 -10.78
N THR G 6 -18.64 38.23 -11.97
CA THR G 6 -17.42 37.87 -12.68
C THR G 6 -16.36 38.95 -12.42
N LEU G 7 -15.16 38.73 -12.94
CA LEU G 7 -14.05 39.68 -12.75
C LEU G 7 -14.33 41.03 -13.41
N GLN G 8 -14.93 41.00 -14.59
CA GLN G 8 -15.33 42.22 -15.30
C GLN G 8 -16.51 42.90 -14.60
N GLN G 9 -17.43 42.10 -14.05
CA GLN G 9 -18.58 42.60 -13.31
C GLN G 9 -18.17 43.29 -12.00
N TRP G 10 -17.04 42.87 -11.46
CA TRP G 10 -16.46 43.53 -10.29
C TRP G 10 -15.66 44.73 -10.68
N ILE G 11 -14.94 44.64 -11.80
CA ILE G 11 -14.03 45.71 -12.22
C ILE G 11 -14.77 46.98 -12.64
N ILE G 12 -15.94 46.80 -13.26
CA ILE G 12 -16.82 47.92 -13.58
C ILE G 12 -17.72 48.18 -12.38
N TRP G 13 -17.13 48.78 -11.35
CA TRP G 13 -17.81 49.00 -10.07
C TRP G 13 -17.15 50.08 -9.28
N MET H 5 18.39 -33.70 19.84
CA MET H 5 18.25 -35.10 19.31
C MET H 5 17.21 -35.17 18.19
N THR H 6 17.40 -36.13 17.28
CA THR H 6 16.46 -36.33 16.17
C THR H 6 15.28 -37.19 16.61
N LEU H 7 14.32 -37.39 15.70
CA LEU H 7 13.11 -38.14 16.00
C LEU H 7 13.33 -39.64 16.14
N GLN H 8 14.07 -40.21 15.17
CA GLN H 8 14.41 -41.64 15.20
C GLN H 8 15.18 -41.99 16.48
N GLN H 9 16.05 -41.08 16.90
CA GLN H 9 16.82 -41.24 18.13
C GLN H 9 15.95 -41.20 19.38
N TRP H 10 14.86 -40.44 19.32
CA TRP H 10 13.91 -40.34 20.44
C TRP H 10 13.15 -41.62 20.63
N ILE H 11 12.85 -42.31 19.53
CA ILE H 11 12.18 -43.61 19.57
C ILE H 11 13.08 -44.66 20.22
N ILE H 12 14.38 -44.57 19.94
CA ILE H 12 15.38 -45.44 20.56
C ILE H 12 15.50 -45.18 22.07
N TRP H 13 15.28 -43.93 22.46
CA TRP H 13 15.27 -43.54 23.88
C TRP H 13 14.05 -44.05 24.58
N LYS H 14 12.91 -44.07 23.89
CA LYS H 14 11.66 -44.57 24.44
C LYS H 14 11.72 -46.08 24.69
N LYS H 15 12.42 -46.80 23.82
CA LYS H 15 12.62 -48.24 23.95
C LYS H 15 13.64 -48.61 25.04
N MET H 16 14.69 -47.80 25.15
CA MET H 16 15.71 -48.00 26.17
C MET H 16 15.30 -47.44 27.54
N ASN H 17 14.09 -46.87 27.60
CA ASN H 17 13.49 -46.38 28.83
C ASN H 17 12.44 -47.35 29.38
#